data_2XHV
#
_entry.id   2XHV
#
_cell.length_a   105.740
_cell.length_b   107.690
_cell.length_c   133.840
_cell.angle_alpha   90.00
_cell.angle_beta   90.00
_cell.angle_gamma   90.00
#
_symmetry.space_group_name_H-M   'P 21 21 21'
#
loop_
_entity.id
_entity.type
_entity.pdbx_description
1 polymer 'RNA-directed RNA polymerase'
2 non-polymer 'SULFATE ION'
3 non-polymer 'MAGNESIUM ION'
4 water water
#
_entity_poly.entity_id   1
_entity_poly.type   'polypeptide(L)'
_entity_poly.pdbx_seq_one_letter_code
;ASMSYTWTGALITPCAAEESKLPINPLSNSLLRHHNMVYATTSRSASLRQKKVTFDRLQVLDDHYRDVLKEMKAKASTVK
AKLLSIEEACKLTPPHSAKSKFGYGAKDVRNLSSRAVNHIRSVWEDLLEDTETPIDTTIMAKSEVFCVQPEKGGRKPARL
IVFPDLGVRVCEKMALYDVVSTLPQAVMGSSYGFQYSPKQRVEFLVNTWKSKKCPMGFSYDTRCFDSTVTESDIRVEESI
YQCCDLAPEARQAIRSLTERLYIGGPLTNSKGQNCGYRRCRASGVLTTSCGNTLTCYLKATAACRAAKLQDCTMLVNGDD
LVVICESAGTQEDAAALRAFTEAMTRYSAPPGDPPQPEYDLELITSCSSNVSVAHDASGKRVYYLTRDPTTPLARAAWET
ARHTPINSWLGNIIMYAPTLWARMILMTHFFSILLAQEQLEKALDCQIYGACYSIEPLDLPQIIERLHGLSAFTLHSYSP
GEINRVASCLRKLGVPPLRTWRHRARSVRAKLLSQGGRAATCGRYLFNWAVRTKLKLTPIPAASQLDLSGWFVAGYKGGD
IYHSLSRARPRLEHHHHHH
;
_entity_poly.pdbx_strand_id   A,B
#
loop_
_chem_comp.id
_chem_comp.type
_chem_comp.name
_chem_comp.formula
MG non-polymer 'MAGNESIUM ION' 'Mg 2'
SO4 non-polymer 'SULFATE ION' 'O4 S -2'
#
# COMPACT_ATOMS: atom_id res chain seq x y z
N SER A 2 -43.32 -16.56 -22.52
CA SER A 2 -43.18 -15.40 -23.40
C SER A 2 -41.75 -14.87 -23.37
N MET A 3 -41.45 -13.97 -24.31
CA MET A 3 -40.13 -13.38 -24.40
C MET A 3 -39.99 -12.32 -23.32
N SER A 4 -38.91 -12.37 -22.56
CA SER A 4 -38.65 -11.36 -21.52
C SER A 4 -38.68 -9.93 -22.10
N TYR A 5 -38.13 -9.77 -23.30
CA TYR A 5 -38.11 -8.49 -24.01
C TYR A 5 -38.32 -8.71 -25.48
N THR A 6 -38.88 -7.70 -26.15
CA THR A 6 -38.89 -7.60 -27.60
C THR A 6 -38.21 -6.28 -27.93
N TRP A 7 -37.38 -6.26 -28.99
CA TRP A 7 -36.62 -5.05 -29.33
C TRP A 7 -36.97 -4.57 -30.74
N THR A 8 -37.08 -3.25 -30.89
CA THR A 8 -37.40 -2.65 -32.18
C THR A 8 -36.17 -2.35 -33.01
N GLY A 9 -35.03 -2.15 -32.34
CA GLY A 9 -33.82 -1.71 -33.03
C GLY A 9 -33.33 -0.36 -32.55
N ALA A 10 -34.22 0.46 -31.97
CA ALA A 10 -33.78 1.75 -31.41
C ALA A 10 -32.77 1.52 -30.28
N LEU A 11 -31.75 2.36 -30.21
CA LEU A 11 -30.65 2.16 -29.27
C LEU A 11 -31.02 2.54 -27.85
N ILE A 12 -30.40 1.88 -26.87
CA ILE A 12 -30.44 2.40 -25.51
C ILE A 12 -29.44 3.54 -25.50
N THR A 13 -29.92 4.77 -25.30
CA THR A 13 -29.09 5.95 -25.44
C THR A 13 -28.77 6.57 -24.09
N PRO A 14 -27.63 7.27 -23.99
CA PRO A 14 -27.32 7.98 -22.75
C PRO A 14 -28.03 9.34 -22.72
N CYS A 15 -28.13 9.96 -21.55
CA CYS A 15 -28.78 11.27 -21.45
C CYS A 15 -27.76 12.40 -21.44
N ALA A 16 -26.56 12.09 -20.95
CA ALA A 16 -25.44 13.02 -20.98
C ALA A 16 -24.18 12.23 -21.28
N ALA A 17 -23.05 12.91 -21.32
CA ALA A 17 -21.77 12.24 -21.53
C ALA A 17 -21.58 11.16 -20.48
N GLU A 18 -21.01 10.04 -20.90
CA GLU A 18 -20.73 8.94 -19.97
C GLU A 18 -19.22 8.80 -19.78
N GLU A 19 -18.80 8.74 -18.53
CA GLU A 19 -17.41 8.50 -18.19
C GLU A 19 -17.22 7.00 -18.00
N SER A 20 -16.15 6.45 -18.56
CA SER A 20 -15.93 5.01 -18.47
C SER A 20 -14.62 4.71 -17.76
N LYS A 21 -13.80 5.74 -17.59
CA LYS A 21 -12.48 5.57 -16.99
C LYS A 21 -12.18 6.62 -15.91
N LEU A 22 -11.22 6.29 -15.04
CA LEU A 22 -10.70 7.23 -14.06
C LEU A 22 -10.08 8.42 -14.80
N PRO A 23 -10.21 9.64 -14.23
CA PRO A 23 -9.64 10.84 -14.86
C PRO A 23 -8.13 10.74 -15.10
N ILE A 24 -7.65 11.50 -16.09
CA ILE A 24 -6.28 11.36 -16.60
C ILE A 24 -5.17 11.34 -15.53
N ASN A 25 -5.29 12.19 -14.52
CA ASN A 25 -4.36 12.18 -13.39
C ASN A 25 -5.16 12.11 -12.09
N PRO A 26 -5.31 10.89 -11.55
CA PRO A 26 -6.30 10.59 -10.50
C PRO A 26 -6.21 11.52 -9.30
N LEU A 27 -7.36 11.99 -8.83
CA LEU A 27 -7.41 12.88 -7.68
C LEU A 27 -6.85 12.19 -6.45
N SER A 28 -6.79 10.85 -6.49
CA SER A 28 -6.06 10.12 -5.48
C SER A 28 -5.43 8.82 -6.01
N ASN A 29 -4.34 8.99 -6.74
CA ASN A 29 -3.44 7.89 -7.04
C ASN A 29 -2.96 7.37 -5.68
N SER A 30 -3.19 8.18 -4.65
CA SER A 30 -2.80 7.87 -3.28
C SER A 30 -3.54 6.64 -2.75
N LEU A 31 -4.76 6.44 -3.21
CA LEU A 31 -5.52 5.25 -2.84
C LEU A 31 -5.13 4.07 -3.70
N LEU A 32 -5.11 4.26 -5.01
CA LEU A 32 -5.02 3.18 -5.96
C LEU A 32 -4.13 3.57 -7.14
N ARG A 33 -3.13 2.74 -7.46
CA ARG A 33 -2.18 3.10 -8.51
C ARG A 33 -2.50 2.49 -9.89
N HIS A 34 -3.15 1.34 -9.90
CA HIS A 34 -3.40 0.67 -11.18
C HIS A 34 -4.70 1.16 -11.80
N HIS A 35 -4.77 2.47 -12.05
CA HIS A 35 -5.99 3.11 -12.55
C HIS A 35 -6.65 2.39 -13.72
N ASN A 36 -5.85 1.73 -14.56
CA ASN A 36 -6.43 1.04 -15.71
C ASN A 36 -7.30 -0.17 -15.36
N MET A 37 -7.26 -0.60 -14.09
CA MET A 37 -8.05 -1.73 -13.65
C MET A 37 -9.50 -1.33 -13.38
N VAL A 38 -9.72 -0.02 -13.18
CA VAL A 38 -11.03 0.49 -12.82
C VAL A 38 -11.79 0.94 -14.07
N TYR A 39 -13.07 0.62 -14.11
CA TYR A 39 -13.90 1.06 -15.23
C TYR A 39 -15.33 1.26 -14.76
N ALA A 40 -16.09 2.07 -15.50
CA ALA A 40 -17.51 2.21 -15.23
C ALA A 40 -18.28 1.75 -16.45
N THR A 41 -19.40 1.07 -16.23
CA THR A 41 -20.22 0.60 -17.34
C THR A 41 -20.89 1.80 -18.02
N THR A 42 -21.14 1.70 -19.32
CA THR A 42 -21.86 2.73 -20.06
C THR A 42 -22.83 2.11 -21.05
N SER A 43 -23.57 2.97 -21.74
CA SER A 43 -24.54 2.50 -22.74
C SER A 43 -23.86 1.80 -23.91
N ARG A 44 -22.55 1.99 -24.06
CA ARG A 44 -21.85 1.33 -25.16
C ARG A 44 -21.93 -0.20 -25.08
N SER A 45 -22.15 -0.74 -23.88
CA SER A 45 -22.25 -2.19 -23.70
C SER A 45 -23.70 -2.66 -23.59
N ALA A 46 -24.65 -1.74 -23.78
CA ALA A 46 -26.07 -2.11 -23.62
C ALA A 46 -26.48 -3.34 -24.42
N SER A 47 -26.00 -3.45 -25.65
CA SER A 47 -26.44 -4.58 -26.49
C SER A 47 -25.94 -5.93 -25.98
N LEU A 48 -24.77 -5.94 -25.34
CA LEU A 48 -24.30 -7.17 -24.71
C LEU A 48 -25.27 -7.59 -23.63
N ARG A 49 -25.72 -6.63 -22.81
CA ARG A 49 -26.65 -6.95 -21.73
C ARG A 49 -28.00 -7.39 -22.30
N GLN A 50 -28.44 -6.70 -23.35
CA GLN A 50 -29.71 -7.06 -23.99
C GLN A 50 -29.69 -8.52 -24.43
N LYS A 51 -28.58 -8.96 -25.01
CA LYS A 51 -28.47 -10.35 -25.43
C LYS A 51 -28.64 -11.32 -24.26
N LYS A 52 -28.03 -11.01 -23.13
CA LYS A 52 -28.04 -11.92 -21.98
C LYS A 52 -29.43 -12.04 -21.36
N VAL A 53 -30.17 -10.94 -21.41
CA VAL A 53 -31.38 -10.78 -20.62
C VAL A 53 -32.65 -11.11 -21.44
N THR A 54 -32.45 -11.44 -22.71
CA THR A 54 -33.57 -11.69 -23.62
C THR A 54 -33.73 -13.18 -23.95
N PHE A 55 -34.79 -13.79 -23.45
CA PHE A 55 -35.05 -15.21 -23.72
C PHE A 55 -36.50 -15.57 -23.44
N ASP A 56 -36.93 -16.70 -23.96
CA ASP A 56 -38.28 -17.21 -23.73
C ASP A 56 -38.34 -17.90 -22.37
N ARG A 57 -39.36 -17.56 -21.56
CA ARG A 57 -39.52 -18.22 -20.27
C ARG A 57 -40.54 -19.34 -20.42
N LEU A 58 -40.15 -20.54 -20.00
CA LEU A 58 -41.07 -21.67 -19.90
C LEU A 58 -41.20 -22.08 -18.44
N GLN A 59 -42.38 -21.88 -17.88
CA GLN A 59 -42.59 -22.07 -16.46
C GLN A 59 -43.62 -23.17 -16.24
N VAL A 60 -43.31 -24.10 -15.36
CA VAL A 60 -44.22 -25.18 -15.01
C VAL A 60 -44.39 -25.22 -13.50
N LEU A 61 -45.60 -24.97 -13.03
CA LEU A 61 -45.90 -24.95 -11.61
C LEU A 61 -46.44 -26.31 -11.17
N ASP A 62 -46.11 -26.73 -9.95
CA ASP A 62 -46.56 -28.02 -9.43
C ASP A 62 -47.26 -27.86 -8.09
N ASP A 63 -47.59 -28.97 -7.43
CA ASP A 63 -48.30 -28.93 -6.15
C ASP A 63 -47.49 -28.27 -5.03
N HIS A 64 -46.19 -28.50 -4.99
CA HIS A 64 -45.36 -27.86 -3.95
C HIS A 64 -45.47 -26.33 -4.06
N TYR A 65 -45.32 -25.82 -5.27
CA TYR A 65 -45.45 -24.38 -5.49
C TYR A 65 -46.81 -23.86 -4.99
N ARG A 66 -47.89 -24.52 -5.39
CA ARG A 66 -49.22 -24.07 -4.96
C ARG A 66 -49.38 -24.14 -3.45
N ASP A 67 -48.85 -25.20 -2.81
CA ASP A 67 -48.92 -25.35 -1.35
C ASP A 67 -48.25 -24.20 -0.62
N VAL A 68 -47.03 -23.89 -1.05
CA VAL A 68 -46.24 -22.83 -0.41
C VAL A 68 -46.94 -21.49 -0.63
N LEU A 69 -47.44 -21.28 -1.83
CA LEU A 69 -48.15 -20.03 -2.13
C LEU A 69 -49.34 -19.85 -1.18
N LYS A 70 -50.12 -20.89 -0.98
CA LYS A 70 -51.24 -20.81 -0.04
C LYS A 70 -50.78 -20.51 1.38
N GLU A 71 -49.68 -21.11 1.79
CA GLU A 71 -49.12 -20.84 3.12
C GLU A 71 -48.70 -19.39 3.26
N MET A 72 -48.05 -18.87 2.22
CA MET A 72 -47.65 -17.46 2.19
C MET A 72 -48.85 -16.52 2.24
N LYS A 73 -49.89 -16.84 1.48
CA LYS A 73 -51.11 -16.02 1.49
C LYS A 73 -51.80 -15.96 2.85
N ALA A 74 -51.80 -17.07 3.58
CA ALA A 74 -52.42 -17.10 4.89
C ALA A 74 -51.71 -16.15 5.86
N LYS A 75 -50.39 -16.03 5.74
CA LYS A 75 -49.63 -15.09 6.56
C LYS A 75 -49.87 -13.65 6.11
N ALA A 76 -49.93 -13.45 4.80
CA ALA A 76 -50.21 -12.12 4.24
C ALA A 76 -51.54 -11.61 4.74
N SER A 77 -52.48 -12.52 4.92
CA SER A 77 -53.86 -12.19 5.32
CA SER A 77 -53.84 -12.13 5.28
C SER A 77 -53.94 -11.52 6.68
N THR A 78 -52.83 -11.54 7.43
CA THR A 78 -52.84 -10.90 8.76
C THR A 78 -52.50 -9.41 8.64
N VAL A 79 -52.07 -8.98 7.46
CA VAL A 79 -51.55 -7.63 7.29
C VAL A 79 -52.65 -6.60 7.02
N LYS A 80 -52.55 -5.44 7.68
CA LYS A 80 -53.40 -4.31 7.34
C LYS A 80 -52.50 -3.17 6.88
N ALA A 81 -52.73 -2.69 5.66
CA ALA A 81 -51.84 -1.71 5.05
C ALA A 81 -52.54 -0.38 4.86
N LYS A 82 -51.80 0.70 5.07
CA LYS A 82 -52.37 2.04 4.95
C LYS A 82 -52.01 2.68 3.61
N LEU A 83 -52.93 3.47 3.09
CA LEU A 83 -52.64 4.38 1.99
C LEU A 83 -51.80 5.54 2.52
N LEU A 84 -50.73 5.90 1.82
CA LEU A 84 -49.98 7.11 2.19
C LEU A 84 -50.63 8.35 1.58
N SER A 85 -50.61 9.45 2.31
CA SER A 85 -51.11 10.72 1.78
C SER A 85 -50.14 11.21 0.72
N ILE A 86 -50.58 12.14 -0.13
CA ILE A 86 -49.68 12.73 -1.12
C ILE A 86 -48.44 13.29 -0.42
N GLU A 87 -48.64 13.99 0.68
CA GLU A 87 -47.51 14.59 1.38
C GLU A 87 -46.48 13.57 1.87
N GLU A 88 -46.94 12.47 2.46
CA GLU A 88 -46.03 11.44 2.97
C GLU A 88 -45.22 10.82 1.85
N ALA A 89 -45.89 10.55 0.73
CA ALA A 89 -45.23 9.94 -0.41
C ALA A 89 -44.20 10.90 -1.03
N CYS A 90 -44.55 12.19 -1.10
CA CYS A 90 -43.63 13.17 -1.64
C CYS A 90 -42.34 13.23 -0.84
N LYS A 91 -42.45 13.11 0.47
CA LYS A 91 -41.30 13.22 1.37
C LYS A 91 -40.36 12.02 1.31
N LEU A 92 -40.82 10.95 0.67
CA LEU A 92 -40.00 9.76 0.45
C LEU A 92 -39.21 9.84 -0.84
N THR A 93 -39.43 10.90 -1.61
CA THR A 93 -38.79 11.06 -2.90
C THR A 93 -37.39 11.64 -2.70
N PRO A 94 -36.37 10.99 -3.26
CA PRO A 94 -35.01 11.51 -3.08
C PRO A 94 -34.85 12.85 -3.79
N PRO A 95 -34.12 13.80 -3.17
CA PRO A 95 -33.90 15.13 -3.74
C PRO A 95 -33.36 15.11 -5.18
N HIS A 96 -32.68 14.03 -5.57
CA HIS A 96 -32.14 13.97 -6.93
C HIS A 96 -32.82 12.93 -7.84
N SER A 97 -34.01 12.50 -7.44
CA SER A 97 -34.82 11.60 -8.27
C SER A 97 -35.03 12.21 -9.67
N ALA A 98 -35.11 11.37 -10.70
CA ALA A 98 -35.23 11.84 -12.08
C ALA A 98 -36.50 12.67 -12.28
N LYS A 99 -36.34 13.85 -12.89
CA LYS A 99 -37.46 14.76 -13.09
C LYS A 99 -38.58 14.16 -13.97
N SER A 100 -39.77 14.72 -13.84
CA SER A 100 -40.91 14.29 -14.65
C SER A 100 -40.86 14.88 -16.04
N LYS A 101 -41.37 14.17 -17.04
CA LYS A 101 -41.53 14.78 -18.36
C LYS A 101 -42.58 15.89 -18.33
N PHE A 102 -43.35 15.95 -17.24
CA PHE A 102 -44.42 16.94 -17.16
C PHE A 102 -44.04 18.27 -16.52
N GLY A 103 -42.74 18.56 -16.51
CA GLY A 103 -42.25 19.90 -16.20
C GLY A 103 -42.09 20.22 -14.74
N TYR A 104 -41.76 19.21 -13.93
CA TYR A 104 -41.42 19.42 -12.53
C TYR A 104 -40.43 18.36 -12.12
N GLY A 105 -39.69 18.61 -11.04
CA GLY A 105 -38.67 17.66 -10.62
C GLY A 105 -38.80 17.28 -9.17
N ALA A 106 -37.79 16.57 -8.66
CA ALA A 106 -37.85 16.00 -7.31
C ALA A 106 -37.96 17.11 -6.26
N LYS A 107 -37.32 18.25 -6.53
CA LYS A 107 -37.37 19.36 -5.59
C LYS A 107 -38.80 19.88 -5.48
N ASP A 108 -39.49 19.90 -6.61
CA ASP A 108 -40.86 20.41 -6.65
C ASP A 108 -41.79 19.44 -5.93
N VAL A 109 -41.56 18.15 -6.14
CA VAL A 109 -42.31 17.13 -5.42
C VAL A 109 -42.14 17.27 -3.92
N ARG A 110 -40.89 17.39 -3.46
CA ARG A 110 -40.62 17.49 -2.03
C ARG A 110 -41.18 18.79 -1.46
N ASN A 111 -41.24 19.84 -2.27
CA ASN A 111 -41.78 21.12 -1.83
C ASN A 111 -43.30 21.16 -1.94
N LEU A 112 -43.89 20.11 -2.50
CA LEU A 112 -45.33 20.04 -2.72
C LEU A 112 -45.81 21.17 -3.63
N SER A 113 -45.06 21.46 -4.68
CA SER A 113 -45.43 22.54 -5.62
C SER A 113 -46.76 22.22 -6.29
N SER A 114 -47.49 23.24 -6.71
CA SER A 114 -48.83 23.04 -7.27
C SER A 114 -48.80 22.17 -8.54
N ARG A 115 -47.85 22.43 -9.43
CA ARG A 115 -47.76 21.67 -10.67
C ARG A 115 -47.51 20.18 -10.40
N ALA A 116 -46.60 19.90 -9.47
CA ALA A 116 -46.24 18.52 -9.14
C ALA A 116 -47.40 17.79 -8.49
N VAL A 117 -47.95 18.39 -7.44
CA VAL A 117 -49.01 17.77 -6.66
C VAL A 117 -50.26 17.57 -7.53
N ASN A 118 -50.53 18.54 -8.39
CA ASN A 118 -51.70 18.41 -9.25
C ASN A 118 -51.51 17.33 -10.32
N HIS A 119 -50.31 17.19 -10.84
CA HIS A 119 -50.06 16.07 -11.75
C HIS A 119 -50.13 14.70 -11.06
N ILE A 120 -49.53 14.60 -9.86
CA ILE A 120 -49.55 13.33 -9.11
C ILE A 120 -50.98 12.91 -8.81
N ARG A 121 -51.82 13.88 -8.46
CA ARG A 121 -53.23 13.58 -8.20
C ARG A 121 -53.93 13.07 -9.47
N SER A 122 -53.57 13.64 -10.62
CA SER A 122 -54.19 13.21 -11.88
C SER A 122 -53.69 11.82 -12.27
N VAL A 123 -52.45 11.50 -11.92
CA VAL A 123 -51.92 10.17 -12.20
C VAL A 123 -52.67 9.15 -11.34
N TRP A 124 -52.95 9.52 -10.09
CA TRP A 124 -53.71 8.65 -9.19
C TRP A 124 -55.12 8.38 -9.71
N GLU A 125 -55.85 9.43 -10.06
CA GLU A 125 -57.19 9.27 -10.60
C GLU A 125 -57.16 8.40 -11.85
N ASP A 126 -56.13 8.57 -12.67
CA ASP A 126 -56.01 7.77 -13.89
C ASP A 126 -55.82 6.26 -13.60
N LEU A 127 -55.14 5.92 -12.50
CA LEU A 127 -55.08 4.50 -12.08
C LEU A 127 -56.47 3.96 -11.74
N LEU A 128 -57.35 4.83 -11.27
CA LEU A 128 -58.73 4.38 -10.97
C LEU A 128 -59.60 4.36 -12.23
N GLU A 129 -59.31 5.27 -13.16
CA GLU A 129 -60.15 5.45 -14.34
C GLU A 129 -59.74 4.53 -15.47
N ASP A 130 -58.52 3.99 -15.41
CA ASP A 130 -58.01 3.20 -16.52
C ASP A 130 -57.28 1.98 -15.96
N THR A 131 -57.81 0.81 -16.24
CA THR A 131 -57.30 -0.42 -15.63
C THR A 131 -56.41 -1.24 -16.55
N GLU A 132 -56.13 -0.72 -17.75
CA GLU A 132 -55.48 -1.57 -18.75
C GLU A 132 -54.31 -0.96 -19.57
N THR A 133 -54.37 0.33 -19.88
CA THR A 133 -53.38 0.91 -20.80
C THR A 133 -51.97 0.87 -20.21
N PRO A 134 -51.04 0.20 -20.92
CA PRO A 134 -49.68 0.12 -20.38
C PRO A 134 -49.11 1.49 -20.12
N ILE A 135 -48.38 1.59 -19.01
CA ILE A 135 -47.76 2.84 -18.61
C ILE A 135 -46.35 2.89 -19.21
N ASP A 136 -45.96 4.05 -19.72
CA ASP A 136 -44.67 4.15 -20.38
C ASP A 136 -43.54 4.01 -19.36
N THR A 137 -42.41 3.48 -19.81
CA THR A 137 -41.23 3.42 -18.95
C THR A 137 -40.01 3.87 -19.76
N THR A 138 -39.00 4.34 -19.06
CA THR A 138 -37.74 4.70 -19.71
C THR A 138 -36.77 3.57 -19.45
N ILE A 139 -35.97 3.23 -20.47
CA ILE A 139 -34.91 2.26 -20.28
C ILE A 139 -33.56 2.96 -20.47
N MET A 140 -32.62 2.69 -19.56
CA MET A 140 -31.30 3.35 -19.56
C MET A 140 -30.26 2.32 -19.21
N ALA A 141 -29.02 2.58 -19.60
CA ALA A 141 -27.89 1.78 -19.15
C ALA A 141 -27.37 2.34 -17.84
N LYS A 142 -27.24 1.48 -16.84
CA LYS A 142 -26.79 1.89 -15.51
C LYS A 142 -25.27 2.13 -15.52
N SER A 143 -24.82 3.16 -14.81
CA SER A 143 -23.40 3.42 -14.67
C SER A 143 -22.91 2.83 -13.36
N GLU A 144 -22.08 1.79 -13.44
CA GLU A 144 -21.54 1.17 -12.22
C GLU A 144 -20.06 0.90 -12.39
N VAL A 145 -19.28 1.10 -11.33
CA VAL A 145 -17.82 0.88 -11.46
C VAL A 145 -17.36 -0.44 -10.87
N PHE A 146 -16.44 -1.08 -11.58
CA PHE A 146 -15.92 -2.38 -11.20
C PHE A 146 -14.43 -2.41 -11.48
N CYS A 147 -13.77 -3.47 -10.99
CA CYS A 147 -12.40 -3.76 -11.37
C CYS A 147 -12.43 -4.82 -12.48
N VAL A 148 -11.52 -4.72 -13.45
CA VAL A 148 -11.48 -5.67 -14.55
C VAL A 148 -11.26 -7.11 -14.09
N GLN A 149 -11.88 -8.06 -14.80
CA GLN A 149 -11.74 -9.49 -14.54
C GLN A 149 -10.28 -9.90 -14.73
N PRO A 150 -9.84 -10.92 -13.98
CA PRO A 150 -8.45 -11.39 -14.09
C PRO A 150 -8.22 -12.21 -15.36
N GLU A 151 -8.76 -11.75 -16.48
CA GLU A 151 -8.63 -12.46 -17.75
C GLU A 151 -8.26 -11.52 -18.90
N LYS A 152 -7.76 -10.34 -18.53
CA LYS A 152 -7.35 -9.31 -19.50
C LYS A 152 -8.45 -8.88 -20.47
N GLY A 153 -9.20 -7.86 -20.07
CA GLY A 153 -10.25 -7.31 -20.90
C GLY A 153 -11.64 -7.76 -20.52
N GLY A 154 -11.72 -8.52 -19.43
CA GLY A 154 -13.00 -9.02 -18.95
C GLY A 154 -13.80 -7.94 -18.24
N ARG A 155 -14.86 -7.47 -18.90
CA ARG A 155 -15.71 -6.43 -18.34
C ARG A 155 -17.18 -6.86 -18.31
N LYS A 156 -17.90 -6.43 -17.28
CA LYS A 156 -19.33 -6.68 -17.18
C LYS A 156 -20.06 -5.62 -18.01
N PRO A 157 -21.09 -6.02 -18.75
CA PRO A 157 -21.88 -5.00 -19.44
C PRO A 157 -22.80 -4.24 -18.48
N ALA A 158 -23.21 -3.04 -18.88
CA ALA A 158 -24.16 -2.24 -18.12
C ALA A 158 -25.42 -3.03 -17.82
N ARG A 159 -25.94 -2.87 -16.61
CA ARG A 159 -27.27 -3.38 -16.31
C ARG A 159 -28.25 -2.42 -16.98
N LEU A 160 -29.46 -2.90 -17.24
CA LEU A 160 -30.47 -2.05 -17.86
C LEU A 160 -31.50 -1.69 -16.81
N ILE A 161 -31.72 -0.39 -16.59
CA ILE A 161 -32.72 0.03 -15.62
C ILE A 161 -33.97 0.52 -16.34
N VAL A 162 -35.11 0.20 -15.76
CA VAL A 162 -36.39 0.53 -16.36
C VAL A 162 -37.24 1.15 -15.27
N PHE A 163 -37.74 2.35 -15.52
CA PHE A 163 -38.52 3.06 -14.51
C PHE A 163 -39.58 3.95 -15.14
N PRO A 164 -40.73 4.12 -14.45
CA PRO A 164 -41.78 5.02 -14.95
C PRO A 164 -41.51 6.47 -14.54
N ASP A 165 -42.34 7.37 -15.03
CA ASP A 165 -42.22 8.80 -14.75
C ASP A 165 -42.36 9.05 -13.25
N LEU A 166 -41.75 10.12 -12.79
CA LEU A 166 -41.84 10.57 -11.39
C LEU A 166 -43.26 10.60 -10.80
N GLY A 167 -44.23 11.13 -11.54
CA GLY A 167 -45.61 11.13 -11.05
C GLY A 167 -46.12 9.75 -10.69
N VAL A 168 -45.83 8.77 -11.54
CA VAL A 168 -46.20 7.40 -11.24
C VAL A 168 -45.46 6.88 -10.00
N ARG A 169 -44.19 7.22 -9.86
CA ARG A 169 -43.41 6.70 -8.74
C ARG A 169 -43.99 7.18 -7.41
N VAL A 170 -44.43 8.43 -7.36
CA VAL A 170 -45.07 8.93 -6.13
C VAL A 170 -46.40 8.19 -5.89
N CYS A 171 -47.17 7.91 -6.95
CA CYS A 171 -48.39 7.11 -6.81
C CYS A 171 -48.11 5.69 -6.31
N GLU A 172 -47.01 5.09 -6.75
CA GLU A 172 -46.67 3.77 -6.25
C GLU A 172 -46.48 3.80 -4.74
N LYS A 173 -45.82 4.83 -4.25
CA LYS A 173 -45.56 4.96 -2.82
C LYS A 173 -46.88 5.06 -2.07
N MET A 174 -47.80 5.89 -2.56
CA MET A 174 -49.09 5.99 -1.88
C MET A 174 -49.79 4.65 -1.72
N ALA A 175 -49.80 3.86 -2.79
CA ALA A 175 -50.53 2.61 -2.80
C ALA A 175 -49.80 1.47 -2.09
N LEU A 176 -48.47 1.49 -2.16
CA LEU A 176 -47.69 0.29 -1.87
C LEU A 176 -46.55 0.43 -0.88
N TYR A 177 -46.19 1.65 -0.48
CA TYR A 177 -45.06 1.79 0.43
C TYR A 177 -45.26 0.98 1.70
N ASP A 178 -46.44 1.11 2.31
CA ASP A 178 -46.71 0.39 3.54
C ASP A 178 -46.71 -1.12 3.32
N VAL A 179 -47.28 -1.56 2.21
CA VAL A 179 -47.28 -2.99 1.87
C VAL A 179 -45.84 -3.53 1.75
N VAL A 180 -45.01 -2.91 0.92
CA VAL A 180 -43.68 -3.48 0.69
C VAL A 180 -42.78 -3.34 1.90
N SER A 181 -43.19 -2.48 2.83
CA SER A 181 -42.42 -2.27 4.07
C SER A 181 -42.80 -3.24 5.18
N THR A 182 -43.99 -3.84 5.09
CA THR A 182 -44.53 -4.63 6.19
C THR A 182 -44.79 -6.08 5.82
N LEU A 183 -45.24 -6.30 4.61
CA LEU A 183 -45.70 -7.64 4.21
C LEU A 183 -44.62 -8.71 4.14
N PRO A 184 -43.41 -8.38 3.64
CA PRO A 184 -42.41 -9.44 3.47
C PRO A 184 -42.04 -10.08 4.80
N GLN A 185 -41.93 -9.31 5.85
CA GLN A 185 -41.60 -9.91 7.14
C GLN A 185 -42.78 -10.69 7.70
N ALA A 186 -43.99 -10.20 7.46
CA ALA A 186 -45.18 -10.91 7.88
C ALA A 186 -45.27 -12.27 7.21
N VAL A 187 -44.86 -12.34 5.96
CA VAL A 187 -45.00 -13.57 5.18
C VAL A 187 -43.84 -14.55 5.41
N MET A 188 -42.62 -14.04 5.44
CA MET A 188 -41.42 -14.89 5.44
C MET A 188 -40.74 -14.99 6.79
N GLY A 189 -41.16 -14.18 7.74
CA GLY A 189 -40.64 -14.25 9.10
C GLY A 189 -39.14 -14.07 9.12
N SER A 190 -38.44 -14.95 9.85
CA SER A 190 -37.00 -14.79 10.03
C SER A 190 -36.21 -14.99 8.74
N SER A 191 -36.86 -15.52 7.70
CA SER A 191 -36.17 -15.70 6.41
C SER A 191 -36.00 -14.41 5.62
N TYR A 192 -36.70 -13.36 6.03
CA TYR A 192 -36.61 -12.08 5.33
C TYR A 192 -35.33 -11.35 5.71
N GLY A 193 -34.40 -11.23 4.77
CA GLY A 193 -33.07 -10.73 5.08
C GLY A 193 -32.98 -9.27 5.46
N PHE A 194 -33.84 -8.43 4.89
CA PHE A 194 -33.70 -6.98 5.09
C PHE A 194 -34.10 -6.46 6.48
N GLN A 195 -34.63 -7.34 7.33
CA GLN A 195 -34.95 -6.98 8.70
C GLN A 195 -33.72 -6.98 9.59
N TYR A 196 -32.60 -7.44 9.05
CA TYR A 196 -31.38 -7.62 9.86
C TYR A 196 -30.30 -6.58 9.55
N SER A 197 -29.69 -6.03 10.58
CA SER A 197 -28.43 -5.30 10.39
C SER A 197 -27.37 -6.34 10.12
N PRO A 198 -26.18 -5.91 9.67
CA PRO A 198 -25.08 -6.85 9.46
C PRO A 198 -24.82 -7.76 10.66
N LYS A 199 -24.83 -7.19 11.87
CA LYS A 199 -24.56 -7.97 13.08
C LYS A 199 -25.67 -8.99 13.31
N GLN A 200 -26.91 -8.59 13.08
CA GLN A 200 -28.03 -9.51 13.25
C GLN A 200 -28.05 -10.59 12.17
N ARG A 201 -27.64 -10.22 10.96
CA ARG A 201 -27.55 -11.21 9.88
C ARG A 201 -26.53 -12.31 10.22
N VAL A 202 -25.33 -11.93 10.65
CA VAL A 202 -24.32 -12.92 10.99
C VAL A 202 -24.82 -13.81 12.13
N GLU A 203 -25.46 -13.20 13.12
CA GLU A 203 -26.01 -13.93 14.23
C GLU A 203 -27.02 -14.96 13.75
N PHE A 204 -27.95 -14.54 12.89
CA PHE A 204 -28.93 -15.47 12.35
C PHE A 204 -28.24 -16.60 11.59
N LEU A 205 -27.23 -16.26 10.79
CA LEU A 205 -26.52 -17.26 10.03
C LEU A 205 -25.77 -18.24 10.95
N VAL A 206 -25.07 -17.70 11.93
CA VAL A 206 -24.27 -18.53 12.83
C VAL A 206 -25.19 -19.44 13.66
N ASN A 207 -26.24 -18.86 14.25
CA ASN A 207 -27.24 -19.61 15.00
C ASN A 207 -27.93 -20.72 14.19
N THR A 208 -28.25 -20.40 12.94
CA THR A 208 -28.85 -21.38 12.05
C THR A 208 -27.87 -22.52 11.78
N TRP A 209 -26.63 -22.15 11.49
CA TRP A 209 -25.58 -23.14 11.25
C TRP A 209 -25.46 -24.08 12.44
N LYS A 210 -25.40 -23.52 13.63
CA LYS A 210 -25.17 -24.30 14.84
C LYS A 210 -26.38 -25.15 15.25
N SER A 211 -27.55 -24.83 14.70
CA SER A 211 -28.78 -25.56 15.04
C SER A 211 -28.89 -26.89 14.32
N LYS A 212 -28.08 -27.08 13.29
CA LYS A 212 -28.10 -28.31 12.50
C LYS A 212 -27.18 -29.36 13.13
N LYS A 213 -27.62 -30.61 13.20
CA LYS A 213 -26.77 -31.68 13.72
C LYS A 213 -25.51 -31.78 12.86
N CYS A 214 -25.70 -31.81 11.55
CA CYS A 214 -24.60 -31.71 10.60
C CYS A 214 -24.99 -30.76 9.48
N PRO A 215 -24.54 -29.49 9.57
CA PRO A 215 -24.99 -28.44 8.65
C PRO A 215 -24.39 -28.52 7.25
N MET A 216 -25.20 -28.22 6.25
CA MET A 216 -24.74 -28.05 4.88
C MET A 216 -25.44 -26.80 4.38
N GLY A 217 -24.73 -25.94 3.66
CA GLY A 217 -25.35 -24.74 3.13
C GLY A 217 -24.93 -24.45 1.71
N PHE A 218 -25.75 -23.68 0.99
CA PHE A 218 -25.39 -23.25 -0.35
C PHE A 218 -26.06 -21.94 -0.67
N SER A 219 -25.41 -21.15 -1.53
CA SER A 219 -26.05 -19.98 -2.11
C SER A 219 -26.61 -20.44 -3.45
N TYR A 220 -27.66 -19.78 -3.91
CA TYR A 220 -28.18 -20.10 -5.24
C TYR A 220 -28.25 -18.82 -6.06
N ASP A 221 -27.49 -18.78 -7.14
CA ASP A 221 -27.46 -17.60 -7.99
C ASP A 221 -28.35 -17.82 -9.21
N THR A 222 -29.50 -17.16 -9.24
CA THR A 222 -30.35 -17.23 -10.41
C THR A 222 -29.73 -16.35 -11.49
N ARG A 223 -29.65 -16.87 -12.71
CA ARG A 223 -29.16 -16.09 -13.83
C ARG A 223 -30.16 -14.99 -14.21
N CYS A 224 -29.73 -13.72 -14.15
CA CYS A 224 -30.56 -12.58 -14.53
C CYS A 224 -31.97 -12.68 -13.97
N PHE A 225 -32.08 -12.70 -12.64
CA PHE A 225 -33.34 -12.95 -11.97
C PHE A 225 -34.49 -12.11 -12.55
N ASP A 226 -34.29 -10.81 -12.72
CA ASP A 226 -35.40 -9.96 -13.21
C ASP A 226 -36.04 -10.46 -14.51
N SER A 227 -35.22 -10.93 -15.43
CA SER A 227 -35.68 -11.46 -16.71
C SER A 227 -36.44 -12.76 -16.59
N THR A 228 -36.20 -13.50 -15.51
CA THR A 228 -36.88 -14.78 -15.31
C THR A 228 -38.27 -14.63 -14.69
N VAL A 229 -38.57 -13.44 -14.18
CA VAL A 229 -39.88 -13.18 -13.58
C VAL A 229 -40.95 -13.11 -14.66
N THR A 230 -41.95 -13.97 -14.56
CA THR A 230 -43.00 -14.06 -15.57
C THR A 230 -44.24 -13.22 -15.23
N GLU A 231 -45.14 -13.09 -16.19
CA GLU A 231 -46.40 -12.39 -15.95
C GLU A 231 -47.17 -13.09 -14.82
N SER A 232 -47.17 -14.41 -14.86
CA SER A 232 -47.75 -15.23 -13.79
C SER A 232 -47.16 -14.91 -12.40
N ASP A 233 -45.84 -14.83 -12.31
CA ASP A 233 -45.17 -14.51 -11.04
C ASP A 233 -45.61 -13.15 -10.52
N ILE A 234 -45.73 -12.18 -11.42
CA ILE A 234 -46.12 -10.85 -11.01
C ILE A 234 -47.58 -10.79 -10.56
N ARG A 235 -48.43 -11.55 -11.23
CA ARG A 235 -49.82 -11.68 -10.77
C ARG A 235 -49.98 -12.48 -9.45
N VAL A 236 -49.13 -13.49 -9.26
CA VAL A 236 -49.10 -14.21 -7.99
C VAL A 236 -48.68 -13.26 -6.86
N GLU A 237 -47.66 -12.45 -7.12
CA GLU A 237 -47.26 -11.42 -6.17
CA GLU A 237 -47.24 -11.41 -6.20
C GLU A 237 -48.43 -10.50 -5.84
N GLU A 238 -49.15 -10.04 -6.86
CA GLU A 238 -50.32 -9.22 -6.58
C GLU A 238 -51.32 -9.99 -5.71
N SER A 239 -51.46 -11.30 -5.95
CA SER A 239 -52.47 -12.07 -5.22
C SER A 239 -52.11 -12.09 -3.74
N ILE A 240 -50.81 -12.02 -3.43
CA ILE A 240 -50.36 -11.90 -2.05
C ILE A 240 -50.67 -10.52 -1.48
N TYR A 241 -50.36 -9.46 -2.25
CA TYR A 241 -50.68 -8.10 -1.79
C TYR A 241 -52.18 -7.95 -1.49
N GLN A 242 -53.01 -8.57 -2.31
CA GLN A 242 -54.47 -8.39 -2.18
C GLN A 242 -55.03 -9.09 -0.93
N CYS A 243 -54.21 -9.91 -0.27
CA CYS A 243 -54.63 -10.51 1.00
C CYS A 243 -54.59 -9.52 2.15
N CYS A 244 -53.85 -8.43 1.98
CA CYS A 244 -53.86 -7.36 3.00
C CYS A 244 -55.21 -6.68 3.15
N ASP A 245 -55.51 -6.15 4.33
CA ASP A 245 -56.61 -5.21 4.43
C ASP A 245 -56.13 -3.92 3.74
N LEU A 246 -56.89 -3.45 2.76
CA LEU A 246 -56.46 -2.32 1.93
C LEU A 246 -57.63 -1.36 1.74
N ALA A 247 -57.34 -0.07 1.68
CA ALA A 247 -58.35 0.90 1.26
C ALA A 247 -58.80 0.56 -0.17
N PRO A 248 -60.08 0.82 -0.49
CA PRO A 248 -60.59 0.52 -1.84
C PRO A 248 -59.74 1.10 -2.97
N GLU A 249 -59.36 2.37 -2.87
CA GLU A 249 -58.53 2.97 -3.92
C GLU A 249 -57.14 2.35 -3.93
N ALA A 250 -56.64 1.93 -2.77
CA ALA A 250 -55.36 1.20 -2.77
C ALA A 250 -55.50 -0.12 -3.52
N ARG A 251 -56.60 -0.84 -3.28
CA ARG A 251 -56.82 -2.10 -4.00
C ARG A 251 -56.82 -1.88 -5.49
N GLN A 252 -57.53 -0.85 -5.92
CA GLN A 252 -57.63 -0.57 -7.35
C GLN A 252 -56.28 -0.13 -7.89
N ALA A 253 -55.61 0.75 -7.17
CA ALA A 253 -54.30 1.24 -7.63
C ALA A 253 -53.36 0.05 -7.82
N ILE A 254 -53.41 -0.89 -6.88
CA ILE A 254 -52.53 -2.05 -6.98
C ILE A 254 -52.89 -2.91 -8.17
N ARG A 255 -54.19 -3.10 -8.38
CA ARG A 255 -54.67 -3.87 -9.50
C ARG A 255 -54.27 -3.21 -10.84
N SER A 256 -54.47 -1.89 -10.95
CA SER A 256 -54.09 -1.15 -12.16
C SER A 256 -52.59 -1.11 -12.39
N LEU A 257 -51.81 -0.83 -11.33
CA LEU A 257 -50.35 -0.83 -11.47
C LEU A 257 -49.84 -2.19 -11.89
N THR A 258 -50.43 -3.25 -11.34
CA THR A 258 -50.01 -4.59 -11.73
C THR A 258 -50.17 -4.82 -13.24
N GLU A 259 -51.36 -4.51 -13.77
CA GLU A 259 -51.62 -4.77 -15.18
C GLU A 259 -51.02 -3.74 -16.12
N ARG A 260 -50.83 -2.53 -15.63
CA ARG A 260 -50.38 -1.46 -16.53
C ARG A 260 -48.88 -1.21 -16.47
N LEU A 261 -48.25 -1.66 -15.39
CA LEU A 261 -46.84 -1.34 -15.17
C LEU A 261 -46.01 -2.54 -14.75
N TYR A 262 -46.42 -3.22 -13.67
CA TYR A 262 -45.58 -4.30 -13.15
C TYR A 262 -45.41 -5.49 -14.08
N ILE A 263 -46.46 -5.92 -14.78
CA ILE A 263 -46.32 -7.11 -15.63
C ILE A 263 -45.58 -6.84 -16.93
N GLY A 264 -45.46 -5.58 -17.31
CA GLY A 264 -44.79 -5.26 -18.55
C GLY A 264 -45.23 -3.95 -19.14
N GLY A 265 -44.68 -3.60 -20.30
CA GLY A 265 -45.07 -2.39 -21.00
C GLY A 265 -43.97 -1.94 -21.93
N PRO A 266 -44.26 -0.88 -22.70
CA PRO A 266 -43.33 -0.33 -23.71
C PRO A 266 -42.10 0.31 -23.06
N LEU A 267 -40.98 0.25 -23.78
CA LEU A 267 -39.71 0.79 -23.32
C LEU A 267 -39.34 1.96 -24.22
N THR A 268 -39.07 3.12 -23.62
CA THR A 268 -38.69 4.30 -24.38
C THR A 268 -37.28 4.72 -24.00
N ASN A 269 -36.47 5.08 -25.00
CA ASN A 269 -35.10 5.50 -24.67
C ASN A 269 -35.06 6.96 -24.24
N SER A 270 -33.87 7.47 -23.92
CA SER A 270 -33.76 8.84 -23.46
C SER A 270 -34.09 9.86 -24.55
N LYS A 271 -34.09 9.41 -25.80
CA LYS A 271 -34.46 10.28 -26.92
C LYS A 271 -35.96 10.23 -27.25
N GLY A 272 -36.71 9.45 -26.49
CA GLY A 272 -38.15 9.33 -26.70
C GLY A 272 -38.53 8.34 -27.79
N GLN A 273 -37.59 7.51 -28.20
CA GLN A 273 -37.89 6.52 -29.24
C GLN A 273 -38.32 5.20 -28.60
N ASN A 274 -39.27 4.51 -29.24
CA ASN A 274 -39.73 3.22 -28.76
C ASN A 274 -38.65 2.14 -28.96
N CYS A 275 -38.13 1.63 -27.85
CA CYS A 275 -37.05 0.61 -27.88
C CYS A 275 -37.54 -0.82 -27.93
N GLY A 276 -38.80 -1.03 -27.55
CA GLY A 276 -39.35 -2.37 -27.52
C GLY A 276 -40.30 -2.55 -26.37
N TYR A 277 -40.36 -3.77 -25.86
CA TYR A 277 -41.41 -4.13 -24.91
C TYR A 277 -40.90 -5.10 -23.85
N ARG A 278 -41.26 -4.85 -22.60
CA ARG A 278 -40.85 -5.65 -21.46
C ARG A 278 -41.99 -6.58 -21.00
N ARG A 279 -41.68 -7.84 -20.71
CA ARG A 279 -42.65 -8.78 -20.14
C ARG A 279 -42.07 -9.46 -18.90
N CYS A 280 -41.18 -8.75 -18.23
CA CYS A 280 -40.56 -9.28 -17.00
C CYS A 280 -40.48 -8.16 -15.98
N ARG A 281 -39.74 -8.39 -14.90
CA ARG A 281 -39.60 -7.41 -13.83
C ARG A 281 -38.86 -6.17 -14.29
N ALA A 282 -39.42 -4.99 -14.01
CA ALA A 282 -38.69 -3.74 -14.17
C ALA A 282 -37.82 -3.49 -12.94
N SER A 283 -36.56 -3.08 -13.17
CA SER A 283 -35.66 -2.87 -12.05
C SER A 283 -36.09 -1.70 -11.17
N GLY A 284 -36.71 -0.70 -11.78
CA GLY A 284 -36.91 0.57 -11.09
C GLY A 284 -38.34 0.88 -10.68
N VAL A 285 -39.02 -0.08 -10.07
CA VAL A 285 -40.34 0.18 -9.48
C VAL A 285 -40.32 -0.18 -8.00
N LEU A 286 -41.28 0.34 -7.24
CA LEU A 286 -41.26 0.18 -5.80
C LEU A 286 -41.36 -1.28 -5.35
N THR A 287 -42.09 -2.10 -6.11
CA THR A 287 -42.30 -3.49 -5.71
C THR A 287 -41.15 -4.42 -6.09
N THR A 288 -40.09 -3.88 -6.69
CA THR A 288 -39.06 -4.76 -7.20
C THR A 288 -38.37 -5.57 -6.09
N SER A 289 -37.99 -4.92 -4.99
CA SER A 289 -37.30 -5.67 -3.93
C SER A 289 -38.23 -6.66 -3.25
N CYS A 290 -39.40 -6.19 -2.84
CA CYS A 290 -40.40 -7.04 -2.18
C CYS A 290 -40.86 -8.17 -3.10
N GLY A 291 -41.18 -7.82 -4.34
CA GLY A 291 -41.58 -8.81 -5.32
C GLY A 291 -40.52 -9.88 -5.57
N ASN A 292 -39.28 -9.45 -5.80
CA ASN A 292 -38.20 -10.41 -6.01
C ASN A 292 -38.03 -11.32 -4.81
N THR A 293 -38.10 -10.75 -3.61
CA THR A 293 -37.89 -11.53 -2.40
C THR A 293 -39.01 -12.58 -2.24
N LEU A 294 -40.26 -12.15 -2.38
CA LEU A 294 -41.38 -13.09 -2.28
C LEU A 294 -41.27 -14.18 -3.32
N THR A 295 -40.95 -13.79 -4.54
CA THR A 295 -40.90 -14.74 -5.66
C THR A 295 -39.75 -15.76 -5.47
N CYS A 296 -38.60 -15.26 -5.07
CA CYS A 296 -37.45 -16.11 -4.80
C CYS A 296 -37.75 -17.08 -3.66
N TYR A 297 -38.34 -16.56 -2.58
CA TYR A 297 -38.70 -17.37 -1.41
C TYR A 297 -39.73 -18.43 -1.76
N LEU A 298 -40.72 -18.07 -2.58
CA LEU A 298 -41.76 -19.02 -2.97
C LEU A 298 -41.15 -20.14 -3.80
N LYS A 299 -40.42 -19.77 -4.84
CA LYS A 299 -39.79 -20.77 -5.71
C LYS A 299 -38.79 -21.64 -4.94
N ALA A 300 -37.92 -21.02 -4.14
CA ALA A 300 -36.92 -21.78 -3.38
C ALA A 300 -37.53 -22.72 -2.32
N THR A 301 -38.56 -22.25 -1.63
CA THR A 301 -39.19 -23.06 -0.60
C THR A 301 -39.86 -24.27 -1.23
N ALA A 302 -40.57 -24.05 -2.33
CA ALA A 302 -41.18 -25.16 -3.06
C ALA A 302 -40.11 -26.11 -3.59
N ALA A 303 -38.99 -25.53 -4.04
CA ALA A 303 -37.88 -26.30 -4.60
C ALA A 303 -37.19 -27.15 -3.54
N CYS A 304 -37.07 -26.64 -2.33
CA CYS A 304 -36.53 -27.43 -1.22
C CYS A 304 -37.42 -28.65 -0.97
N ARG A 305 -38.73 -28.45 -1.04
CA ARG A 305 -39.67 -29.56 -0.87
C ARG A 305 -39.54 -30.58 -1.99
N ALA A 306 -39.43 -30.11 -3.22
CA ALA A 306 -39.21 -31.00 -4.36
C ALA A 306 -37.92 -31.81 -4.18
N ALA A 307 -36.89 -31.16 -3.67
CA ALA A 307 -35.57 -31.78 -3.52
C ALA A 307 -35.43 -32.62 -2.25
N LYS A 308 -36.46 -32.59 -1.41
CA LYS A 308 -36.43 -33.31 -0.14
C LYS A 308 -35.26 -32.94 0.75
N LEU A 309 -34.83 -31.69 0.66
CA LEU A 309 -33.85 -31.16 1.61
C LEU A 309 -34.51 -31.18 2.99
N GLN A 310 -33.73 -31.48 4.03
CA GLN A 310 -34.28 -31.64 5.37
C GLN A 310 -33.88 -30.50 6.32
N ASP A 311 -34.85 -30.00 7.07
CA ASP A 311 -34.62 -28.91 8.03
C ASP A 311 -33.99 -27.69 7.38
N CYS A 312 -34.57 -27.26 6.26
CA CYS A 312 -34.07 -26.09 5.53
C CYS A 312 -34.40 -24.80 6.27
N THR A 313 -33.41 -23.93 6.38
CA THR A 313 -33.64 -22.56 6.82
C THR A 313 -33.09 -21.64 5.73
N MET A 314 -33.93 -20.76 5.21
CA MET A 314 -33.49 -19.91 4.12
C MET A 314 -33.38 -18.46 4.57
N LEU A 315 -32.52 -17.73 3.87
CA LEU A 315 -32.37 -16.29 4.07
C LEU A 315 -32.40 -15.62 2.70
N VAL A 316 -33.40 -14.76 2.48
CA VAL A 316 -33.67 -14.22 1.15
C VAL A 316 -33.60 -12.70 1.16
N ASN A 317 -32.83 -12.14 0.21
CA ASN A 317 -32.68 -10.71 0.02
C ASN A 317 -32.86 -10.40 -1.45
N GLY A 318 -34.08 -10.05 -1.85
CA GLY A 318 -34.35 -9.88 -3.26
C GLY A 318 -34.05 -11.19 -3.97
N ASP A 319 -33.20 -11.13 -4.99
CA ASP A 319 -32.89 -12.35 -5.75
C ASP A 319 -31.75 -13.15 -5.09
N ASP A 320 -31.25 -12.66 -3.96
CA ASP A 320 -30.14 -13.35 -3.28
C ASP A 320 -30.68 -14.40 -2.32
N LEU A 321 -30.15 -15.62 -2.42
CA LEU A 321 -30.68 -16.74 -1.64
C LEU A 321 -29.55 -17.54 -1.01
N VAL A 322 -29.65 -17.79 0.29
CA VAL A 322 -28.79 -18.80 0.91
C VAL A 322 -29.66 -19.76 1.69
N VAL A 323 -29.37 -21.06 1.59
CA VAL A 323 -30.08 -22.02 2.42
C VAL A 323 -29.15 -22.88 3.24
N ILE A 324 -29.52 -23.10 4.49
CA ILE A 324 -28.79 -23.97 5.38
C ILE A 324 -29.73 -25.08 5.83
N CYS A 325 -29.27 -26.32 5.73
CA CYS A 325 -30.12 -27.48 6.03
C CYS A 325 -29.32 -28.59 6.70
N GLU A 326 -30.00 -29.70 6.99
CA GLU A 326 -29.37 -30.87 7.59
C GLU A 326 -28.77 -31.78 6.51
N SER A 327 -27.52 -32.15 6.68
CA SER A 327 -26.81 -32.93 5.68
C SER A 327 -27.27 -34.39 5.68
N ALA A 328 -27.21 -35.02 4.51
CA ALA A 328 -27.56 -36.43 4.38
C ALA A 328 -26.38 -37.26 3.88
N GLY A 329 -25.19 -36.65 3.90
CA GLY A 329 -24.00 -37.27 3.33
C GLY A 329 -23.58 -36.49 2.10
N THR A 330 -22.28 -36.53 1.80
CA THR A 330 -21.74 -35.76 0.68
C THR A 330 -22.44 -36.10 -0.63
N GLN A 331 -22.62 -37.40 -0.87
CA GLN A 331 -23.23 -37.91 -2.09
C GLN A 331 -24.69 -37.48 -2.23
N GLU A 332 -25.45 -37.62 -1.15
CA GLU A 332 -26.88 -37.36 -1.18
C GLU A 332 -27.17 -35.86 -1.24
N ASP A 333 -26.26 -35.08 -0.71
CA ASP A 333 -26.36 -33.62 -0.75
C ASP A 333 -26.21 -33.11 -2.18
N ALA A 334 -25.18 -33.61 -2.86
CA ALA A 334 -24.89 -33.19 -4.23
C ALA A 334 -26.06 -33.54 -5.15
N ALA A 335 -26.69 -34.68 -4.88
CA ALA A 335 -27.84 -35.11 -5.66
C ALA A 335 -29.06 -34.25 -5.36
N ALA A 336 -29.31 -34.01 -4.07
CA ALA A 336 -30.41 -33.15 -3.66
C ALA A 336 -30.27 -31.75 -4.26
N LEU A 337 -29.05 -31.24 -4.28
CA LEU A 337 -28.80 -29.90 -4.80
C LEU A 337 -29.13 -29.82 -6.29
N ARG A 338 -28.86 -30.90 -7.01
CA ARG A 338 -29.20 -30.96 -8.43
C ARG A 338 -30.72 -31.00 -8.61
N ALA A 339 -31.40 -31.71 -7.71
CA ALA A 339 -32.87 -31.76 -7.74
C ALA A 339 -33.46 -30.40 -7.44
N PHE A 340 -32.86 -29.68 -6.49
CA PHE A 340 -33.30 -28.33 -6.14
C PHE A 340 -33.18 -27.43 -7.36
N THR A 341 -32.03 -27.50 -8.03
CA THR A 341 -31.77 -26.69 -9.21
C THR A 341 -32.74 -27.02 -10.34
N GLU A 342 -33.04 -28.31 -10.52
CA GLU A 342 -34.01 -28.72 -11.53
C GLU A 342 -35.40 -28.18 -11.23
N ALA A 343 -35.81 -28.20 -9.96
CA ALA A 343 -37.08 -27.58 -9.57
C ALA A 343 -37.10 -26.07 -9.84
N MET A 344 -36.06 -25.36 -9.42
CA MET A 344 -35.98 -23.92 -9.65
C MET A 344 -36.04 -23.60 -11.13
N THR A 345 -35.42 -24.46 -11.93
CA THR A 345 -35.39 -24.27 -13.37
C THR A 345 -36.80 -24.39 -13.96
N ARG A 346 -37.54 -25.40 -13.51
CA ARG A 346 -38.94 -25.54 -13.92
C ARG A 346 -39.76 -24.31 -13.55
N TYR A 347 -39.47 -23.72 -12.40
CA TYR A 347 -40.17 -22.53 -11.93
C TYR A 347 -39.72 -21.24 -12.64
N SER A 348 -38.87 -21.38 -13.65
N SER A 348 -38.77 -21.41 -13.57
CA SER A 348 -38.30 -20.24 -14.35
CA SER A 348 -38.25 -20.34 -14.45
C SER A 348 -37.38 -19.47 -13.41
C SER A 348 -36.97 -19.65 -13.95
N ALA A 349 -36.39 -20.17 -12.88
CA ALA A 349 -35.26 -19.54 -12.19
C ALA A 349 -34.01 -20.40 -12.29
N PRO A 350 -33.49 -20.56 -13.53
CA PRO A 350 -32.31 -21.39 -13.76
C PRO A 350 -31.06 -20.74 -13.16
N PRO A 351 -30.03 -21.54 -12.87
CA PRO A 351 -28.87 -20.98 -12.19
C PRO A 351 -27.90 -20.31 -13.17
N GLY A 352 -27.15 -19.34 -12.67
CA GLY A 352 -26.01 -18.82 -13.39
C GLY A 352 -24.88 -19.81 -13.15
N ASP A 353 -24.22 -19.68 -12.01
CA ASP A 353 -23.23 -20.65 -11.58
C ASP A 353 -23.98 -21.77 -10.87
N PRO A 354 -23.67 -23.03 -11.21
CA PRO A 354 -24.34 -24.14 -10.52
C PRO A 354 -24.01 -24.06 -9.03
N PRO A 355 -25.01 -24.31 -8.17
CA PRO A 355 -24.77 -24.24 -6.73
C PRO A 355 -23.86 -25.37 -6.26
N GLN A 356 -23.15 -25.15 -5.16
CA GLN A 356 -22.28 -26.17 -4.59
C GLN A 356 -22.56 -26.33 -3.10
N PRO A 357 -22.71 -27.58 -2.65
CA PRO A 357 -22.87 -27.79 -1.20
C PRO A 357 -21.62 -27.27 -0.50
N GLU A 358 -21.80 -26.68 0.69
CA GLU A 358 -20.69 -26.10 1.42
C GLU A 358 -20.79 -26.52 2.90
N TYR A 359 -19.70 -27.03 3.47
CA TYR A 359 -19.76 -27.57 4.82
C TYR A 359 -18.98 -26.72 5.82
N ASP A 360 -18.59 -25.54 5.36
CA ASP A 360 -17.96 -24.53 6.21
C ASP A 360 -18.73 -23.23 6.00
N LEU A 361 -19.36 -22.74 7.05
CA LEU A 361 -20.19 -21.53 6.95
C LEU A 361 -19.41 -20.39 6.31
N GLU A 362 -18.14 -20.28 6.65
CA GLU A 362 -17.29 -19.16 6.21
C GLU A 362 -17.08 -19.13 4.70
N LEU A 363 -17.34 -20.25 4.05
CA LEU A 363 -17.09 -20.37 2.61
C LEU A 363 -18.31 -20.00 1.75
N ILE A 364 -19.46 -19.82 2.41
CA ILE A 364 -20.66 -19.43 1.68
C ILE A 364 -20.73 -17.93 1.52
N THR A 365 -20.86 -17.46 0.28
CA THR A 365 -21.04 -16.04 0.05
C THR A 365 -22.48 -15.80 -0.39
N SER A 366 -23.16 -14.91 0.31
CA SER A 366 -24.52 -14.51 -0.01
C SER A 366 -24.64 -13.01 0.21
N CYS A 367 -25.37 -12.34 -0.67
CA CYS A 367 -25.38 -10.88 -0.71
C CYS A 367 -23.96 -10.36 -0.84
N SER A 368 -23.16 -11.07 -1.63
CA SER A 368 -21.78 -10.69 -1.90
C SER A 368 -20.92 -10.75 -0.65
N SER A 369 -21.43 -11.36 0.41
CA SER A 369 -20.73 -11.34 1.70
C SER A 369 -20.57 -12.71 2.31
N ASN A 370 -19.61 -12.84 3.22
CA ASN A 370 -19.42 -14.08 3.96
C ASN A 370 -19.14 -13.81 5.44
N VAL A 371 -19.42 -14.81 6.27
CA VAL A 371 -19.11 -14.72 7.68
C VAL A 371 -17.63 -15.02 7.89
N SER A 372 -16.99 -14.24 8.73
CA SER A 372 -15.61 -14.53 9.12
C SER A 372 -15.45 -14.28 10.61
N VAL A 373 -14.27 -14.61 11.13
CA VAL A 373 -14.06 -14.55 12.58
C VAL A 373 -12.82 -13.72 12.92
N ALA A 374 -12.93 -12.92 13.96
CA ALA A 374 -11.79 -12.22 14.53
C ALA A 374 -11.88 -12.28 16.05
N HIS A 375 -11.09 -11.47 16.74
CA HIS A 375 -11.13 -11.46 18.20
C HIS A 375 -11.17 -10.03 18.74
N ASP A 376 -11.95 -9.82 19.80
CA ASP A 376 -12.05 -8.50 20.41
C ASP A 376 -10.87 -8.27 21.36
N ALA A 377 -10.94 -7.19 22.13
CA ALA A 377 -9.87 -6.86 23.07
C ALA A 377 -9.60 -8.01 24.04
N SER A 378 -10.68 -8.57 24.59
CA SER A 378 -10.57 -9.65 25.58
C SER A 378 -10.20 -10.98 24.93
N GLY A 379 -9.98 -10.97 23.63
CA GLY A 379 -9.57 -12.16 22.90
C GLY A 379 -10.73 -13.09 22.62
N LYS A 380 -11.95 -12.62 22.90
CA LYS A 380 -13.14 -13.42 22.63
C LYS A 380 -13.47 -13.46 21.14
N ARG A 381 -13.97 -14.61 20.70
CA ARG A 381 -14.34 -14.83 19.32
C ARG A 381 -15.50 -13.91 18.91
N VAL A 382 -15.30 -13.14 17.84
CA VAL A 382 -16.37 -12.32 17.28
C VAL A 382 -16.61 -12.67 15.82
N TYR A 383 -17.88 -12.92 15.48
CA TYR A 383 -18.27 -13.15 14.09
C TYR A 383 -18.68 -11.84 13.45
N TYR A 384 -18.30 -11.66 12.18
CA TYR A 384 -18.66 -10.46 11.45
C TYR A 384 -18.82 -10.79 9.98
N LEU A 385 -19.54 -9.92 9.25
CA LEU A 385 -19.69 -10.05 7.81
C LEU A 385 -18.61 -9.30 7.04
N THR A 386 -18.01 -9.96 6.06
CA THR A 386 -17.02 -9.32 5.22
C THR A 386 -17.31 -9.67 3.76
N ARG A 387 -16.55 -9.06 2.85
CA ARG A 387 -16.63 -9.38 1.44
C ARG A 387 -15.28 -9.10 0.81
N ASP A 388 -15.06 -9.64 -0.39
CA ASP A 388 -13.88 -9.27 -1.17
C ASP A 388 -13.94 -7.77 -1.37
N PRO A 389 -12.83 -7.06 -1.07
CA PRO A 389 -12.86 -5.59 -1.03
C PRO A 389 -12.68 -4.93 -2.39
N THR A 390 -12.56 -5.73 -3.44
CA THR A 390 -12.21 -5.21 -4.76
C THR A 390 -13.16 -4.14 -5.28
N THR A 391 -14.45 -4.45 -5.31
CA THR A 391 -15.41 -3.49 -5.83
C THR A 391 -15.51 -2.25 -4.93
N PRO A 392 -15.63 -2.45 -3.60
CA PRO A 392 -15.63 -1.26 -2.73
C PRO A 392 -14.42 -0.36 -2.93
N LEU A 393 -13.23 -0.93 -3.11
CA LEU A 393 -12.04 -0.12 -3.30
C LEU A 393 -12.03 0.58 -4.66
N ALA A 394 -12.45 -0.14 -5.70
CA ALA A 394 -12.54 0.47 -7.02
C ALA A 394 -13.49 1.68 -7.01
N ARG A 395 -14.63 1.50 -6.34
CA ARG A 395 -15.64 2.56 -6.30
C ARG A 395 -15.18 3.71 -5.41
N ALA A 396 -14.43 3.40 -4.36
CA ALA A 396 -13.84 4.44 -3.54
C ALA A 396 -12.88 5.30 -4.37
N ALA A 397 -12.11 4.66 -5.25
CA ALA A 397 -11.15 5.38 -6.06
C ALA A 397 -11.88 6.29 -7.04
N TRP A 398 -12.97 5.78 -7.62
CA TRP A 398 -13.80 6.54 -8.53
C TRP A 398 -14.38 7.76 -7.83
N GLU A 399 -14.94 7.54 -6.64
CA GLU A 399 -15.62 8.61 -5.91
C GLU A 399 -14.66 9.67 -5.39
N THR A 400 -13.39 9.29 -5.24
CA THR A 400 -12.34 10.23 -4.86
C THR A 400 -11.95 11.12 -6.04
N ALA A 401 -11.91 10.51 -7.23
CA ALA A 401 -11.46 11.21 -8.43
C ALA A 401 -12.57 11.98 -9.14
N ARG A 402 -13.80 11.47 -9.08
CA ARG A 402 -14.92 12.08 -9.78
C ARG A 402 -16.08 12.36 -8.84
N HIS A 403 -16.73 13.52 -9.01
CA HIS A 403 -17.87 13.85 -8.18
C HIS A 403 -19.00 12.84 -8.37
N THR A 404 -19.58 12.39 -7.27
CA THR A 404 -20.64 11.41 -7.31
C THR A 404 -21.74 11.77 -6.32
N PRO A 405 -23.01 11.65 -6.75
CA PRO A 405 -24.16 11.97 -5.91
C PRO A 405 -24.26 11.00 -4.72
N ILE A 406 -24.16 9.70 -5.00
CA ILE A 406 -24.20 8.69 -3.96
C ILE A 406 -22.80 8.18 -3.60
N ASN A 407 -22.49 8.18 -2.30
CA ASN A 407 -21.16 7.86 -1.82
C ASN A 407 -21.06 6.45 -1.27
N SER A 408 -20.68 5.50 -2.13
CA SER A 408 -20.72 4.09 -1.76
C SER A 408 -19.72 3.76 -0.65
N TRP A 409 -18.67 4.55 -0.53
CA TRP A 409 -17.66 4.28 0.49
C TRP A 409 -18.22 4.45 1.89
N LEU A 410 -19.14 5.39 2.04
CA LEU A 410 -19.76 5.64 3.34
C LEU A 410 -20.67 4.47 3.70
N GLY A 411 -21.47 4.03 2.75
CA GLY A 411 -22.31 2.85 2.94
C GLY A 411 -21.47 1.64 3.30
N ASN A 412 -20.33 1.49 2.63
CA ASN A 412 -19.44 0.37 2.91
C ASN A 412 -18.80 0.46 4.30
N ILE A 413 -18.38 1.66 4.70
CA ILE A 413 -17.84 1.83 6.06
C ILE A 413 -18.88 1.45 7.09
N ILE A 414 -20.11 1.91 6.90
CA ILE A 414 -21.18 1.60 7.83
C ILE A 414 -21.48 0.09 7.86
N MET A 415 -21.63 -0.51 6.69
CA MET A 415 -22.03 -1.91 6.63
C MET A 415 -20.89 -2.87 6.95
N TYR A 416 -19.66 -2.47 6.68
CA TYR A 416 -18.52 -3.35 6.92
C TYR A 416 -17.52 -2.76 7.90
N ALA A 417 -18.00 -1.96 8.85
CA ALA A 417 -17.09 -1.29 9.80
C ALA A 417 -16.09 -2.21 10.49
N PRO A 418 -16.50 -3.45 10.84
CA PRO A 418 -15.54 -4.30 11.56
C PRO A 418 -14.45 -4.91 10.70
N THR A 419 -14.57 -4.84 9.38
CA THR A 419 -13.61 -5.49 8.49
C THR A 419 -12.24 -4.84 8.54
N LEU A 420 -11.23 -5.64 8.20
CA LEU A 420 -9.85 -5.17 8.17
C LEU A 420 -9.68 -4.05 7.14
N TRP A 421 -10.32 -4.22 5.98
CA TRP A 421 -10.18 -3.27 4.88
C TRP A 421 -10.96 -1.97 5.05
N ALA A 422 -12.14 -2.04 5.66
CA ALA A 422 -12.92 -0.82 5.89
C ALA A 422 -12.27 0.06 6.96
N ARG A 423 -11.66 -0.55 7.96
CA ARG A 423 -11.09 0.20 9.08
C ARG A 423 -9.76 0.83 8.70
N MET A 424 -8.92 0.05 8.04
CA MET A 424 -7.55 0.49 7.77
C MET A 424 -7.41 1.32 6.49
N ILE A 425 -8.25 1.04 5.49
CA ILE A 425 -8.14 1.72 4.22
C ILE A 425 -9.23 2.78 4.02
N LEU A 426 -10.48 2.32 3.95
CA LEU A 426 -11.61 3.22 3.75
C LEU A 426 -11.63 4.37 4.77
N MET A 427 -11.64 4.04 6.06
CA MET A 427 -11.72 5.07 7.09
C MET A 427 -10.55 6.03 7.01
N THR A 428 -9.34 5.46 6.95
CA THR A 428 -8.14 6.28 6.90
C THR A 428 -8.19 7.22 5.71
N HIS A 429 -8.45 6.66 4.53
CA HIS A 429 -8.45 7.44 3.29
C HIS A 429 -9.46 8.59 3.29
N PHE A 430 -10.71 8.31 3.61
CA PHE A 430 -11.74 9.35 3.47
C PHE A 430 -11.71 10.38 4.60
N PHE A 431 -11.28 9.97 5.79
CA PHE A 431 -11.13 10.94 6.88
C PHE A 431 -10.00 11.93 6.62
N SER A 432 -8.94 11.48 5.96
CA SER A 432 -7.85 12.38 5.63
C SER A 432 -8.34 13.40 4.62
N ILE A 433 -9.16 12.93 3.66
CA ILE A 433 -9.68 13.82 2.63
C ILE A 433 -10.63 14.86 3.23
N LEU A 434 -11.55 14.43 4.08
CA LEU A 434 -12.51 15.34 4.68
C LEU A 434 -11.81 16.36 5.57
N LEU A 435 -10.75 15.90 6.24
CA LEU A 435 -9.90 16.74 7.07
C LEU A 435 -9.23 17.83 6.24
N ALA A 436 -8.64 17.44 5.12
CA ALA A 436 -7.95 18.38 4.24
C ALA A 436 -8.87 19.46 3.68
N GLN A 437 -10.07 19.07 3.27
CA GLN A 437 -11.00 20.02 2.66
C GLN A 437 -11.95 20.63 3.67
N GLU A 438 -11.76 20.27 4.94
CA GLU A 438 -12.63 20.72 6.02
C GLU A 438 -14.09 20.43 5.69
N GLN A 439 -14.35 19.26 5.11
CA GLN A 439 -15.70 18.83 4.78
C GLN A 439 -16.23 17.84 5.81
N LEU A 440 -15.61 17.80 6.98
CA LEU A 440 -15.92 16.79 7.98
C LEU A 440 -17.37 16.85 8.47
N GLU A 441 -17.90 18.05 8.63
CA GLU A 441 -19.23 18.22 9.20
C GLU A 441 -20.34 18.05 8.18
N LYS A 442 -19.97 18.04 6.89
CA LYS A 442 -20.93 18.01 5.79
C LYS A 442 -21.58 16.64 5.57
N ALA A 443 -22.91 16.62 5.64
CA ALA A 443 -23.66 15.38 5.48
C ALA A 443 -23.57 14.85 4.05
N LEU A 444 -23.49 13.53 3.91
CA LEU A 444 -23.36 12.90 2.61
C LEU A 444 -24.45 11.87 2.34
N ASP A 445 -24.78 11.70 1.07
CA ASP A 445 -25.77 10.69 0.68
C ASP A 445 -25.14 9.32 0.48
N CYS A 446 -25.78 8.30 1.02
CA CYS A 446 -25.42 6.91 0.76
C CYS A 446 -26.67 6.03 0.81
N GLN A 447 -26.53 4.80 0.35
CA GLN A 447 -27.66 3.88 0.37
C GLN A 447 -27.45 2.73 1.34
N ILE A 448 -28.53 2.35 2.02
CA ILE A 448 -28.55 1.16 2.87
C ILE A 448 -29.76 0.35 2.47
N TYR A 449 -29.52 -0.88 2.01
CA TYR A 449 -30.60 -1.72 1.47
C TYR A 449 -31.45 -0.94 0.47
N GLY A 450 -30.79 -0.15 -0.38
CA GLY A 450 -31.49 0.46 -1.49
C GLY A 450 -32.10 1.82 -1.20
N ALA A 451 -32.31 2.13 0.07
CA ALA A 451 -32.89 3.42 0.46
C ALA A 451 -31.78 4.45 0.65
N CYS A 452 -32.05 5.69 0.27
CA CYS A 452 -31.06 6.76 0.40
C CYS A 452 -31.14 7.40 1.78
N TYR A 453 -29.98 7.65 2.37
CA TYR A 453 -29.88 8.36 3.65
C TYR A 453 -28.86 9.49 3.52
N SER A 454 -29.07 10.56 4.29
CA SER A 454 -28.11 11.65 4.39
C SER A 454 -27.43 11.54 5.75
N ILE A 455 -26.13 11.28 5.74
CA ILE A 455 -25.42 10.93 6.96
C ILE A 455 -24.17 11.78 7.17
N GLU A 456 -23.98 12.24 8.40
CA GLU A 456 -22.79 13.02 8.74
C GLU A 456 -21.67 12.08 9.17
N PRO A 457 -20.52 12.14 8.49
CA PRO A 457 -19.40 11.24 8.80
C PRO A 457 -18.97 11.31 10.27
N LEU A 458 -19.11 12.47 10.89
CA LEU A 458 -18.74 12.62 12.29
C LEU A 458 -19.66 11.84 13.23
N ASP A 459 -20.66 11.16 12.65
CA ASP A 459 -21.57 10.34 13.44
C ASP A 459 -21.22 8.86 13.35
N LEU A 460 -20.18 8.54 12.59
CA LEU A 460 -19.77 7.15 12.38
C LEU A 460 -19.49 6.37 13.68
N PRO A 461 -18.86 7.01 14.67
CA PRO A 461 -18.59 6.21 15.88
C PRO A 461 -19.89 5.69 16.51
N GLN A 462 -20.87 6.56 16.70
CA GLN A 462 -22.16 6.14 17.26
C GLN A 462 -22.85 5.09 16.39
N ILE A 463 -22.93 5.37 15.10
CA ILE A 463 -23.57 4.47 14.15
C ILE A 463 -22.95 3.08 14.24
N ILE A 464 -21.62 3.03 14.19
CA ILE A 464 -20.91 1.76 14.19
C ILE A 464 -21.09 0.97 15.50
N GLU A 465 -21.03 1.66 16.63
CA GLU A 465 -21.18 0.98 17.91
C GLU A 465 -22.55 0.34 18.06
N ARG A 466 -23.59 1.12 17.78
CA ARG A 466 -24.95 0.60 17.90
C ARG A 466 -25.23 -0.54 16.92
N LEU A 467 -24.63 -0.48 15.75
CA LEU A 467 -24.88 -1.48 14.71
C LEU A 467 -24.03 -2.75 14.85
N HIS A 468 -22.75 -2.58 15.16
CA HIS A 468 -21.82 -3.70 15.14
C HIS A 468 -21.32 -4.12 16.51
N GLY A 469 -21.52 -3.26 17.50
CA GLY A 469 -20.99 -3.51 18.82
C GLY A 469 -19.63 -2.87 19.03
N LEU A 470 -19.26 -2.67 20.28
CA LEU A 470 -18.01 -2.00 20.63
C LEU A 470 -16.79 -2.75 20.07
N SER A 471 -16.96 -4.04 19.83
CA SER A 471 -15.85 -4.86 19.34
C SER A 471 -15.40 -4.44 17.94
N ALA A 472 -16.26 -3.69 17.25
CA ALA A 472 -15.92 -3.19 15.92
C ALA A 472 -14.68 -2.29 15.99
N PHE A 473 -14.40 -1.73 17.16
CA PHE A 473 -13.27 -0.84 17.32
C PHE A 473 -12.02 -1.54 17.86
N THR A 474 -12.14 -2.83 18.16
CA THR A 474 -11.03 -3.53 18.80
C THR A 474 -10.65 -4.85 18.13
N LEU A 475 -11.33 -5.20 17.04
CA LEU A 475 -11.03 -6.48 16.38
C LEU A 475 -9.56 -6.62 15.98
N HIS A 476 -8.99 -7.79 16.27
CA HIS A 476 -7.65 -8.15 15.82
C HIS A 476 -7.64 -9.64 15.51
N SER A 477 -6.47 -10.15 15.12
CA SER A 477 -6.31 -11.57 14.82
C SER A 477 -7.34 -12.05 13.80
N TYR A 478 -7.38 -11.36 12.67
CA TYR A 478 -8.26 -11.75 11.58
C TYR A 478 -7.82 -13.09 10.99
N SER A 479 -8.73 -13.77 10.30
CA SER A 479 -8.42 -15.10 9.78
C SER A 479 -7.41 -15.06 8.64
N PRO A 480 -6.58 -16.11 8.51
CA PRO A 480 -5.62 -16.17 7.41
C PRO A 480 -6.28 -15.94 6.06
N GLY A 481 -7.44 -16.54 5.84
CA GLY A 481 -8.13 -16.42 4.58
C GLY A 481 -8.52 -15.00 4.26
N GLU A 482 -8.94 -14.26 5.28
CA GLU A 482 -9.36 -12.88 5.10
C GLU A 482 -8.15 -11.98 4.85
N ILE A 483 -7.07 -12.24 5.59
CA ILE A 483 -5.86 -11.46 5.43
C ILE A 483 -5.30 -11.66 4.02
N ASN A 484 -5.31 -12.90 3.54
CA ASN A 484 -4.79 -13.19 2.21
C ASN A 484 -5.65 -12.63 1.09
N ARG A 485 -6.98 -12.61 1.28
CA ARG A 485 -7.87 -12.03 0.29
C ARG A 485 -7.66 -10.52 0.17
N VAL A 486 -7.52 -9.85 1.30
CA VAL A 486 -7.24 -8.43 1.28
C VAL A 486 -5.88 -8.14 0.63
N ALA A 487 -4.85 -8.84 1.08
CA ALA A 487 -3.51 -8.68 0.52
C ALA A 487 -3.52 -8.83 -1.00
N SER A 488 -4.18 -9.89 -1.46
CA SER A 488 -4.27 -10.16 -2.89
C SER A 488 -4.96 -9.00 -3.62
N CYS A 489 -6.01 -8.46 -3.00
CA CYS A 489 -6.73 -7.32 -3.57
C CYS A 489 -5.84 -6.09 -3.69
N LEU A 490 -5.10 -5.78 -2.63
CA LEU A 490 -4.22 -4.60 -2.64
C LEU A 490 -3.13 -4.74 -3.70
N ARG A 491 -2.72 -5.98 -3.96
CA ARG A 491 -1.73 -6.27 -4.99
C ARG A 491 -2.30 -5.94 -6.36
N LYS A 492 -3.47 -6.48 -6.64
CA LYS A 492 -4.14 -6.33 -7.92
C LYS A 492 -4.40 -4.86 -8.28
N LEU A 493 -4.95 -4.12 -7.33
CA LEU A 493 -5.35 -2.74 -7.59
C LEU A 493 -4.22 -1.73 -7.44
N GLY A 494 -3.10 -2.17 -6.86
CA GLY A 494 -1.98 -1.29 -6.61
C GLY A 494 -2.23 -0.37 -5.44
N VAL A 495 -2.89 -0.89 -4.42
CA VAL A 495 -3.13 -0.15 -3.20
C VAL A 495 -1.95 -0.35 -2.25
N PRO A 496 -1.47 0.74 -1.63
CA PRO A 496 -0.36 0.66 -0.67
C PRO A 496 -0.64 -0.34 0.45
N PRO A 497 0.43 -0.93 1.01
CA PRO A 497 0.32 -1.98 2.04
C PRO A 497 -0.31 -1.48 3.33
N LEU A 498 -0.93 -2.40 4.06
CA LEU A 498 -1.60 -2.06 5.32
C LEU A 498 -0.69 -1.30 6.27
N ARG A 499 0.54 -1.78 6.44
CA ARG A 499 1.49 -1.11 7.31
C ARG A 499 1.53 0.38 7.00
N THR A 500 1.40 0.73 5.73
CA THR A 500 1.44 2.12 5.31
C THR A 500 0.22 2.90 5.79
N TRP A 501 -0.95 2.26 5.72
CA TRP A 501 -2.18 2.87 6.20
C TRP A 501 -2.10 3.14 7.70
N ARG A 502 -1.40 2.27 8.41
CA ARG A 502 -1.20 2.47 9.85
C ARG A 502 -0.53 3.82 10.10
N HIS A 503 0.38 4.20 9.20
CA HIS A 503 1.08 5.48 9.32
C HIS A 503 0.17 6.68 9.06
N ARG A 504 -0.57 6.63 7.96
CA ARG A 504 -1.47 7.72 7.59
C ARG A 504 -2.57 7.88 8.63
N ALA A 505 -2.99 6.76 9.21
CA ALA A 505 -4.01 6.73 10.23
C ALA A 505 -3.59 7.51 11.47
N ARG A 506 -2.34 7.32 11.88
CA ARG A 506 -1.81 8.01 13.05
C ARG A 506 -1.89 9.52 12.87
N SER A 507 -1.50 9.98 11.69
CA SER A 507 -1.59 11.39 11.35
C SER A 507 -3.04 11.86 11.43
N VAL A 508 -3.94 11.11 10.82
CA VAL A 508 -5.35 11.46 10.83
C VAL A 508 -5.91 11.47 12.24
N ARG A 509 -5.59 10.42 13.00
CA ARG A 509 -6.07 10.29 14.38
C ARG A 509 -5.66 11.51 15.19
N ALA A 510 -4.39 11.90 15.05
CA ALA A 510 -3.84 13.03 15.78
C ALA A 510 -4.53 14.35 15.42
N LYS A 511 -4.86 14.51 14.14
CA LYS A 511 -5.54 15.71 13.68
C LYS A 511 -6.99 15.77 14.19
N LEU A 512 -7.65 14.63 14.19
CA LEU A 512 -9.03 14.53 14.67
C LEU A 512 -9.12 14.87 16.16
N LEU A 513 -8.20 14.30 16.95
CA LEU A 513 -8.13 14.58 18.38
C LEU A 513 -7.82 16.06 18.62
N SER A 514 -7.05 16.65 17.72
CA SER A 514 -6.65 18.05 17.82
C SER A 514 -7.84 18.99 17.67
N GLN A 515 -8.95 18.47 17.17
CA GLN A 515 -10.13 19.30 16.94
C GLN A 515 -11.12 19.22 18.11
N GLY A 516 -11.08 18.11 18.83
CA GLY A 516 -12.03 17.90 19.92
C GLY A 516 -13.45 17.72 19.41
N GLY A 517 -14.34 17.32 20.31
CA GLY A 517 -15.74 17.13 19.96
C GLY A 517 -15.99 15.82 19.26
N ARG A 518 -16.96 15.80 18.33
CA ARG A 518 -17.24 14.60 17.56
C ARG A 518 -15.99 14.16 16.80
N ALA A 519 -15.22 15.13 16.30
CA ALA A 519 -14.00 14.84 15.58
C ALA A 519 -13.03 14.02 16.44
N ALA A 520 -12.92 14.40 17.70
CA ALA A 520 -12.03 13.72 18.63
C ALA A 520 -12.53 12.29 18.90
N THR A 521 -13.85 12.12 18.94
CA THR A 521 -14.42 10.80 19.16
C THR A 521 -14.13 9.89 17.97
N CYS A 522 -14.13 10.46 16.78
CA CYS A 522 -13.72 9.72 15.58
C CYS A 522 -12.28 9.28 15.70
N GLY A 523 -11.42 10.17 16.19
CA GLY A 523 -10.03 9.84 16.38
C GLY A 523 -9.83 8.70 17.35
N ARG A 524 -10.52 8.76 18.49
CA ARG A 524 -10.34 7.77 19.55
C ARG A 524 -10.80 6.38 19.13
N TYR A 525 -12.03 6.30 18.62
CA TYR A 525 -12.65 5.01 18.36
C TYR A 525 -12.29 4.42 17.00
N LEU A 526 -12.41 5.21 15.95
CA LEU A 526 -12.22 4.70 14.61
C LEU A 526 -10.78 4.28 14.32
N PHE A 527 -9.83 4.88 15.03
CA PHE A 527 -8.41 4.65 14.72
C PHE A 527 -7.59 4.10 15.89
N ASN A 528 -8.25 3.46 16.85
CA ASN A 528 -7.56 2.86 17.97
C ASN A 528 -6.72 1.67 17.52
N TRP A 529 -7.02 1.14 16.35
CA TRP A 529 -6.26 0.05 15.76
C TRP A 529 -4.87 0.52 15.33
N ALA A 530 -4.72 1.82 15.18
CA ALA A 530 -3.49 2.38 14.62
C ALA A 530 -2.41 2.60 15.67
N VAL A 531 -2.80 2.56 16.94
CA VAL A 531 -1.84 2.74 18.02
C VAL A 531 -1.69 1.46 18.84
N ARG A 532 -0.55 1.32 19.50
CA ARG A 532 -0.32 0.18 20.40
C ARG A 532 -0.78 0.53 21.81
N THR A 533 -0.47 1.76 22.25
CA THR A 533 -0.99 2.28 23.50
C THR A 533 -2.47 2.61 23.33
N LYS A 534 -3.28 1.57 23.21
CA LYS A 534 -4.68 1.72 22.83
C LYS A 534 -5.55 2.36 23.90
N LEU A 535 -6.12 3.51 23.59
CA LEU A 535 -7.05 4.18 24.47
C LEU A 535 -8.18 3.21 24.84
N LYS A 536 -8.40 3.02 26.13
CA LYS A 536 -9.49 2.17 26.59
C LYS A 536 -10.81 2.66 26.02
N LEU A 537 -11.56 1.75 25.40
CA LEU A 537 -12.79 2.13 24.72
C LEU A 537 -14.05 1.73 25.49
N THR A 538 -14.81 2.73 25.92
CA THR A 538 -16.06 2.50 26.63
C THR A 538 -17.25 2.92 25.77
N PRO A 539 -18.42 2.33 26.03
CA PRO A 539 -19.62 2.67 25.24
C PRO A 539 -19.86 4.18 25.14
N ILE A 540 -20.00 4.68 23.93
CA ILE A 540 -20.28 6.09 23.70
C ILE A 540 -21.70 6.44 24.16
N PRO A 541 -21.84 7.57 24.88
CA PRO A 541 -23.14 8.01 25.40
C PRO A 541 -24.19 8.16 24.30
N ALA A 542 -23.75 8.55 23.11
CA ALA A 542 -24.68 8.81 22.00
C ALA A 542 -25.28 7.53 21.43
N ALA A 543 -24.59 6.41 21.63
CA ALA A 543 -25.08 5.12 21.17
C ALA A 543 -26.23 4.62 22.05
N SER A 544 -27.43 4.63 21.48
CA SER A 544 -28.68 4.22 22.14
C SER A 544 -29.73 5.31 22.00
N GLN A 545 -29.28 6.51 21.67
CA GLN A 545 -30.15 7.68 21.65
C GLN A 545 -30.19 8.37 20.28
N LEU A 546 -30.00 7.60 19.23
CA LEU A 546 -30.15 8.10 17.87
C LEU A 546 -31.24 7.35 17.11
N ASP A 547 -31.75 7.95 16.03
CA ASP A 547 -32.86 7.38 15.30
C ASP A 547 -32.42 6.38 14.22
N LEU A 548 -32.15 5.15 14.65
CA LEU A 548 -31.79 4.07 13.74
C LEU A 548 -32.99 3.14 13.55
N SER A 549 -34.18 3.72 13.60
CA SER A 549 -35.41 2.94 13.55
C SER A 549 -35.51 2.10 12.28
N GLY A 550 -35.84 2.76 11.18
CA GLY A 550 -36.15 2.06 9.95
C GLY A 550 -34.98 1.80 9.04
N TRP A 551 -33.78 1.67 9.60
CA TRP A 551 -32.60 1.39 8.78
C TRP A 551 -32.62 -0.01 8.23
N PHE A 552 -33.16 -0.95 9.01
CA PHE A 552 -33.19 -2.34 8.61
C PHE A 552 -34.58 -2.91 8.82
N VAL A 553 -35.50 -2.45 7.99
CA VAL A 553 -36.86 -2.93 8.01
C VAL A 553 -37.12 -3.68 6.72
N ALA A 554 -36.78 -3.04 5.60
CA ALA A 554 -37.12 -3.58 4.29
C ALA A 554 -36.09 -3.22 3.24
N GLY A 555 -36.13 -3.93 2.12
CA GLY A 555 -35.27 -3.61 0.99
C GLY A 555 -36.00 -2.66 0.06
N TYR A 556 -35.29 -1.70 -0.49
CA TYR A 556 -35.92 -0.73 -1.38
C TYR A 556 -35.14 -0.51 -2.65
N LYS A 557 -34.25 -1.44 -2.99
CA LYS A 557 -33.43 -1.25 -4.19
C LYS A 557 -34.34 -1.02 -5.38
N GLY A 558 -34.07 0.04 -6.14
CA GLY A 558 -34.84 0.37 -7.33
C GLY A 558 -36.11 1.14 -7.06
N GLY A 559 -36.47 1.29 -5.79
CA GLY A 559 -37.74 1.87 -5.41
C GLY A 559 -37.80 3.39 -5.22
N ASP A 560 -36.68 4.09 -5.45
CA ASP A 560 -36.73 5.56 -5.41
C ASP A 560 -37.16 6.05 -4.02
N ILE A 561 -36.52 5.54 -2.98
CA ILE A 561 -36.89 5.85 -1.61
C ILE A 561 -35.81 6.66 -0.89
N TYR A 562 -36.25 7.71 -0.20
CA TYR A 562 -35.37 8.55 0.57
C TYR A 562 -35.86 8.53 2.01
N HIS A 563 -34.99 8.14 2.93
CA HIS A 563 -35.39 8.04 4.33
C HIS A 563 -34.87 9.21 5.16
N SER A 564 -35.77 9.90 5.84
CA SER A 564 -35.42 11.07 6.65
C SER A 564 -34.80 12.18 5.81
N SER B 2 37.30 9.77 -23.80
CA SER B 2 38.64 10.04 -23.33
C SER B 2 39.09 8.96 -22.36
N MET B 3 40.37 8.94 -22.06
CA MET B 3 40.89 8.03 -21.03
C MET B 3 40.49 8.50 -19.65
N SER B 4 40.00 7.59 -18.81
CA SER B 4 39.63 7.96 -17.44
C SER B 4 40.79 8.63 -16.70
N TYR B 5 42.01 8.14 -16.94
CA TYR B 5 43.24 8.69 -16.32
C TYR B 5 44.39 8.70 -17.30
N THR B 6 45.31 9.64 -17.12
CA THR B 6 46.62 9.58 -17.79
C THR B 6 47.67 9.57 -16.69
N TRP B 7 48.73 8.80 -16.85
CA TRP B 7 49.74 8.66 -15.80
C TRP B 7 51.11 9.11 -16.30
N THR B 8 51.88 9.77 -15.43
CA THR B 8 53.21 10.25 -15.77
C THR B 8 54.28 9.20 -15.51
N GLY B 9 54.00 8.29 -14.58
CA GLY B 9 55.03 7.36 -14.13
C GLY B 9 55.46 7.56 -12.69
N ALA B 10 55.20 8.73 -12.14
CA ALA B 10 55.41 8.96 -10.71
C ALA B 10 54.52 8.00 -9.93
N LEU B 11 55.03 7.51 -8.79
CA LEU B 11 54.30 6.50 -8.03
C LEU B 11 53.24 7.13 -7.14
N ILE B 12 52.18 6.39 -6.89
CA ILE B 12 51.29 6.73 -5.78
C ILE B 12 52.03 6.35 -4.51
N THR B 13 52.30 7.35 -3.69
CA THR B 13 53.17 7.17 -2.53
C THR B 13 52.39 7.21 -1.23
N PRO B 14 52.88 6.48 -0.19
CA PRO B 14 52.28 6.58 1.13
C PRO B 14 52.81 7.84 1.81
N CYS B 15 52.10 8.38 2.80
CA CYS B 15 52.63 9.53 3.53
C CYS B 15 53.11 9.13 4.92
N ALA B 16 53.28 7.82 5.12
CA ALA B 16 53.77 7.26 6.38
C ALA B 16 53.82 5.74 6.27
N ALA B 17 54.57 5.10 7.18
CA ALA B 17 54.64 3.64 7.20
C ALA B 17 53.23 3.05 7.12
N GLU B 18 53.09 1.97 6.34
CA GLU B 18 51.79 1.35 6.12
C GLU B 18 51.74 -0.03 6.76
N GLU B 19 50.71 -0.27 7.56
CA GLU B 19 50.52 -1.58 8.18
C GLU B 19 49.70 -2.45 7.25
N SER B 20 50.10 -3.70 7.06
CA SER B 20 49.37 -4.59 6.16
C SER B 20 48.92 -5.89 6.83
N LYS B 21 49.50 -6.20 7.98
CA LYS B 21 49.21 -7.48 8.64
C LYS B 21 48.55 -7.30 10.01
N LEU B 22 47.62 -8.19 10.34
CA LEU B 22 46.96 -8.11 11.64
C LEU B 22 47.96 -8.45 12.72
N PRO B 23 48.04 -7.61 13.76
CA PRO B 23 49.00 -7.89 14.84
C PRO B 23 48.59 -9.15 15.58
N ILE B 24 49.53 -9.77 16.28
CA ILE B 24 49.22 -10.87 17.18
C ILE B 24 49.00 -10.26 18.54
N ASN B 25 47.74 -10.26 18.99
CA ASN B 25 47.34 -9.46 20.13
C ASN B 25 46.27 -10.24 20.88
N PRO B 26 46.40 -10.35 22.21
CA PRO B 26 45.49 -11.19 23.00
C PRO B 26 44.03 -10.80 22.83
N LEU B 27 43.76 -9.49 22.72
CA LEU B 27 42.39 -9.00 22.57
C LEU B 27 41.76 -9.37 21.23
N SER B 28 42.50 -9.14 20.14
CA SER B 28 41.99 -9.52 18.83
C SER B 28 41.98 -11.03 18.68
N ASN B 29 42.97 -11.68 19.29
CA ASN B 29 43.06 -13.12 19.16
C ASN B 29 41.87 -13.87 19.77
N SER B 30 41.22 -13.29 20.76
CA SER B 30 40.07 -13.98 21.35
C SER B 30 38.82 -13.86 20.48
N LEU B 31 38.86 -12.95 19.51
CA LEU B 31 37.79 -12.82 18.53
C LEU B 31 38.09 -13.62 17.27
N LEU B 32 39.34 -13.58 16.82
CA LEU B 32 39.70 -14.13 15.51
C LEU B 32 41.13 -14.70 15.56
N ARG B 33 41.25 -16.02 15.43
CA ARG B 33 42.54 -16.68 15.63
CA ARG B 33 42.53 -16.72 15.62
C ARG B 33 43.38 -16.83 14.38
N HIS B 34 42.75 -16.85 13.21
CA HIS B 34 43.49 -17.00 11.96
C HIS B 34 43.98 -15.65 11.47
N HIS B 35 44.89 -15.04 12.22
CA HIS B 35 45.29 -13.66 11.97
C HIS B 35 45.93 -13.46 10.60
N ASN B 36 46.55 -14.52 10.07
CA ASN B 36 47.20 -14.43 8.76
C ASN B 36 46.21 -14.31 7.60
N MET B 37 44.92 -14.53 7.86
CA MET B 37 43.94 -14.33 6.81
C MET B 37 43.48 -12.88 6.66
N VAL B 38 43.81 -12.05 7.64
CA VAL B 38 43.34 -10.66 7.62
C VAL B 38 44.46 -9.75 7.12
N TYR B 39 44.15 -8.88 6.16
CA TYR B 39 45.17 -7.96 5.65
C TYR B 39 44.57 -6.59 5.40
N ALA B 40 45.43 -5.58 5.31
CA ALA B 40 45.01 -4.24 4.90
C ALA B 40 45.70 -3.89 3.60
N THR B 41 44.97 -3.23 2.70
CA THR B 41 45.56 -2.80 1.45
C THR B 41 46.58 -1.68 1.70
N THR B 42 47.56 -1.55 0.82
CA THR B 42 48.56 -0.50 0.96
C THR B 42 48.89 0.04 -0.42
N SER B 43 49.73 1.08 -0.45
CA SER B 43 50.13 1.68 -1.73
C SER B 43 50.95 0.71 -2.58
N ARG B 44 51.44 -0.39 -1.98
CA ARG B 44 52.27 -1.32 -2.73
C ARG B 44 51.48 -1.98 -3.86
N SER B 45 50.16 -1.98 -3.75
CA SER B 45 49.33 -2.58 -4.78
C SER B 45 48.68 -1.53 -5.68
N ALA B 46 49.03 -0.26 -5.50
CA ALA B 46 48.37 0.82 -6.22
C ALA B 46 48.46 0.65 -7.74
N SER B 47 49.58 0.16 -8.23
CA SER B 47 49.72 0.06 -9.68
C SER B 47 48.76 -0.95 -10.30
N LEU B 48 48.41 -2.02 -9.56
CA LEU B 48 47.40 -2.96 -10.04
C LEU B 48 46.05 -2.28 -10.18
N ARG B 49 45.72 -1.43 -9.21
CA ARG B 49 44.45 -0.72 -9.27
CA ARG B 49 44.45 -0.71 -9.26
C ARG B 49 44.45 0.25 -10.44
N GLN B 50 45.55 0.98 -10.61
CA GLN B 50 45.68 1.96 -11.68
C GLN B 50 45.37 1.28 -12.99
N LYS B 51 45.89 0.08 -13.19
CA LYS B 51 45.66 -0.62 -14.44
C LYS B 51 44.17 -0.88 -14.65
N LYS B 52 43.50 -1.35 -13.61
CA LYS B 52 42.06 -1.64 -13.70
C LYS B 52 41.20 -0.41 -14.02
N VAL B 53 41.51 0.72 -13.38
CA VAL B 53 40.65 1.91 -13.50
C VAL B 53 40.96 2.81 -14.71
N THR B 54 41.95 2.43 -15.51
CA THR B 54 42.40 3.28 -16.61
C THR B 54 41.97 2.71 -17.98
N PHE B 55 41.05 3.40 -18.64
CA PHE B 55 40.54 2.90 -19.92
C PHE B 55 39.79 3.99 -20.67
N ASP B 56 39.61 3.77 -21.96
CA ASP B 56 38.86 4.72 -22.78
C ASP B 56 37.37 4.46 -22.56
N ARG B 57 36.58 5.51 -22.39
CA ARG B 57 35.14 5.33 -22.16
C ARG B 57 34.36 5.30 -23.46
N LEU B 58 33.33 4.47 -23.52
CA LEU B 58 32.40 4.47 -24.63
C LEU B 58 31.10 5.07 -24.13
N GLN B 59 30.58 6.04 -24.85
CA GLN B 59 29.31 6.62 -24.46
C GLN B 59 28.51 7.11 -25.65
N VAL B 60 27.27 6.62 -25.78
CA VAL B 60 26.35 7.08 -26.79
CA VAL B 60 26.35 7.10 -26.79
C VAL B 60 24.99 7.30 -26.16
N LEU B 61 24.48 8.53 -26.24
CA LEU B 61 23.22 8.85 -25.59
C LEU B 61 22.08 8.81 -26.59
N ASP B 62 20.90 8.45 -26.12
CA ASP B 62 19.74 8.29 -27.00
C ASP B 62 18.54 9.03 -26.46
N ASP B 63 17.39 8.84 -27.10
CA ASP B 63 16.18 9.56 -26.70
C ASP B 63 15.70 9.19 -25.30
N HIS B 64 15.78 7.91 -24.94
CA HIS B 64 15.39 7.50 -23.60
C HIS B 64 16.20 8.25 -22.56
N TYR B 65 17.51 8.36 -22.77
CA TYR B 65 18.37 9.08 -21.84
C TYR B 65 17.92 10.54 -21.72
N ARG B 66 17.73 11.18 -22.87
CA ARG B 66 17.33 12.58 -22.89
C ARG B 66 15.98 12.80 -22.24
N ASP B 67 15.02 11.90 -22.51
CA ASP B 67 13.70 11.93 -21.89
C ASP B 67 13.77 11.88 -20.38
N VAL B 68 14.51 10.89 -19.86
CA VAL B 68 14.64 10.75 -18.42
C VAL B 68 15.30 11.98 -17.80
N LEU B 69 16.34 12.50 -18.46
CA LEU B 69 17.03 13.68 -17.95
C LEU B 69 16.06 14.86 -17.79
N LYS B 70 15.26 15.11 -18.82
CA LYS B 70 14.30 16.21 -18.71
C LYS B 70 13.33 15.99 -17.58
N GLU B 71 12.89 14.74 -17.37
CA GLU B 71 11.99 14.46 -16.26
C GLU B 71 12.67 14.78 -14.92
N MET B 72 13.95 14.44 -14.82
CA MET B 72 14.70 14.69 -13.59
C MET B 72 14.86 16.18 -13.33
N LYS B 73 15.20 16.92 -14.39
CA LYS B 73 15.36 18.38 -14.30
C LYS B 73 14.07 19.06 -13.89
N ALA B 74 12.94 18.62 -14.44
CA ALA B 74 11.65 19.17 -14.02
C ALA B 74 11.42 19.04 -12.52
N LYS B 75 11.84 17.91 -11.94
CA LYS B 75 11.76 17.72 -10.49
C LYS B 75 12.79 18.56 -9.73
N ALA B 76 14.00 18.63 -10.26
CA ALA B 76 15.04 19.47 -9.65
C ALA B 76 14.63 20.94 -9.58
N SER B 77 13.83 21.38 -10.56
CA SER B 77 13.40 22.76 -10.65
CA SER B 77 13.44 22.78 -10.63
C SER B 77 12.55 23.22 -9.46
N THR B 78 12.11 22.28 -8.63
CA THR B 78 11.31 22.63 -7.46
C THR B 78 12.16 22.97 -6.24
N VAL B 79 13.46 22.76 -6.35
CA VAL B 79 14.37 22.86 -5.20
C VAL B 79 14.89 24.29 -5.02
N LYS B 80 14.90 24.75 -3.77
CA LYS B 80 15.57 26.00 -3.45
C LYS B 80 16.67 25.63 -2.48
N ALA B 81 17.91 25.89 -2.87
CA ALA B 81 19.04 25.50 -2.05
C ALA B 81 19.73 26.73 -1.47
N LYS B 82 20.21 26.60 -0.26
CA LYS B 82 20.81 27.74 0.40
C LYS B 82 22.33 27.64 0.42
N LEU B 83 22.96 28.79 0.43
CA LEU B 83 24.39 28.91 0.58
C LEU B 83 24.71 28.79 2.07
N LEU B 84 25.61 27.89 2.45
CA LEU B 84 26.01 27.81 3.85
C LEU B 84 27.01 28.93 4.16
N SER B 85 26.96 29.44 5.38
CA SER B 85 27.96 30.41 5.82
C SER B 85 29.27 29.67 6.08
N ILE B 86 30.36 30.42 6.16
CA ILE B 86 31.65 29.83 6.48
C ILE B 86 31.58 29.03 7.78
N GLU B 87 30.89 29.57 8.78
CA GLU B 87 30.85 28.92 10.08
C GLU B 87 30.13 27.57 10.02
N GLU B 88 29.01 27.54 9.32
CA GLU B 88 28.25 26.31 9.14
C GLU B 88 29.07 25.27 8.39
N ALA B 89 29.80 25.68 7.36
CA ALA B 89 30.61 24.74 6.60
C ALA B 89 31.78 24.23 7.45
N CYS B 90 32.38 25.10 8.25
CA CYS B 90 33.49 24.66 9.10
C CYS B 90 33.04 23.59 10.08
N LYS B 91 31.86 23.78 10.68
CA LYS B 91 31.35 22.83 11.67
C LYS B 91 31.03 21.46 11.09
N LEU B 92 30.95 21.37 9.76
CA LEU B 92 30.73 20.07 9.11
C LEU B 92 32.04 19.33 8.83
N THR B 93 33.16 19.94 9.21
CA THR B 93 34.47 19.35 8.93
C THR B 93 34.86 18.37 10.05
N PRO B 94 35.23 17.14 9.68
CA PRO B 94 35.62 16.17 10.70
C PRO B 94 36.89 16.62 11.40
N PRO B 95 36.94 16.45 12.72
CA PRO B 95 38.09 16.88 13.53
C PRO B 95 39.42 16.31 13.03
N HIS B 96 39.37 15.16 12.34
CA HIS B 96 40.60 14.53 11.86
C HIS B 96 40.72 14.54 10.33
N SER B 97 39.98 15.44 9.69
CA SER B 97 40.09 15.66 8.25
C SER B 97 41.53 16.03 7.89
N ALA B 98 41.97 15.69 6.68
CA ALA B 98 43.34 16.00 6.25
C ALA B 98 43.66 17.49 6.28
N LYS B 99 44.78 17.85 6.90
CA LYS B 99 45.18 19.25 7.02
C LYS B 99 45.41 19.91 5.67
N SER B 100 45.26 21.23 5.63
CA SER B 100 45.54 22.01 4.42
C SER B 100 47.04 22.11 4.20
N LYS B 101 47.42 22.22 2.93
CA LYS B 101 48.79 22.53 2.56
C LYS B 101 49.11 23.99 2.89
N PHE B 102 48.10 24.76 3.28
CA PHE B 102 48.29 26.20 3.42
C PHE B 102 48.34 26.68 4.88
N GLY B 103 48.83 25.83 5.77
CA GLY B 103 49.22 26.25 7.10
C GLY B 103 48.21 26.09 8.23
N TYR B 104 47.22 25.21 8.02
CA TYR B 104 46.22 24.97 9.05
C TYR B 104 45.60 23.62 8.84
N GLY B 105 44.95 23.10 9.88
CA GLY B 105 44.33 21.79 9.81
C GLY B 105 42.86 21.82 10.18
N ALA B 106 42.27 20.63 10.32
CA ALA B 106 40.85 20.50 10.59
C ALA B 106 40.41 21.18 11.89
N LYS B 107 41.28 21.16 12.89
CA LYS B 107 40.96 21.75 14.18
C LYS B 107 40.88 23.26 14.10
N ASP B 108 41.77 23.87 13.32
CA ASP B 108 41.75 25.31 13.10
C ASP B 108 40.49 25.73 12.35
N VAL B 109 40.05 24.88 11.42
CA VAL B 109 38.83 25.12 10.67
C VAL B 109 37.63 25.09 11.63
N ARG B 110 37.55 24.04 12.42
CA ARG B 110 36.45 23.90 13.37
C ARG B 110 36.47 25.01 14.41
N ASN B 111 37.67 25.45 14.79
CA ASN B 111 37.81 26.57 15.74
C ASN B 111 37.62 27.95 15.09
N LEU B 112 37.42 27.97 13.77
CA LEU B 112 37.30 29.21 13.03
C LEU B 112 38.52 30.11 13.22
N SER B 113 39.71 29.51 13.24
CA SER B 113 40.94 30.28 13.35
C SER B 113 41.08 31.26 12.21
N SER B 114 41.77 32.36 12.48
CA SER B 114 41.98 33.43 11.54
C SER B 114 42.66 32.93 10.27
N ARG B 115 43.70 32.12 10.41
CA ARG B 115 44.42 31.62 9.24
C ARG B 115 43.52 30.77 8.35
N ALA B 116 42.78 29.85 8.97
CA ALA B 116 41.88 28.98 8.22
C ALA B 116 40.80 29.78 7.48
N VAL B 117 40.09 30.65 8.19
CA VAL B 117 38.97 31.38 7.57
C VAL B 117 39.42 32.35 6.50
N ASN B 118 40.53 33.04 6.74
CA ASN B 118 41.12 33.91 5.74
C ASN B 118 41.43 33.12 4.47
N HIS B 119 42.04 31.96 4.63
CA HIS B 119 42.37 31.18 3.45
C HIS B 119 41.14 30.66 2.70
N ILE B 120 40.17 30.13 3.45
CA ILE B 120 38.92 29.64 2.88
C ILE B 120 38.20 30.75 2.09
N ARG B 121 38.15 31.93 2.68
CA ARG B 121 37.58 33.09 1.97
C ARG B 121 38.30 33.36 0.67
N SER B 122 39.63 33.23 0.65
CA SER B 122 40.38 33.52 -0.56
C SER B 122 40.11 32.45 -1.61
N VAL B 123 39.93 31.20 -1.16
CA VAL B 123 39.61 30.11 -2.06
C VAL B 123 38.23 30.34 -2.69
N TRP B 124 37.26 30.73 -1.87
CA TRP B 124 35.92 31.05 -2.35
C TRP B 124 35.98 32.19 -3.39
N GLU B 125 36.70 33.27 -3.09
CA GLU B 125 36.76 34.38 -4.04
C GLU B 125 37.40 33.94 -5.36
N ASP B 126 38.38 33.06 -5.28
CA ASP B 126 39.01 32.51 -6.48
C ASP B 126 38.06 31.66 -7.31
N LEU B 127 37.18 30.90 -6.66
CA LEU B 127 36.15 30.15 -7.39
C LEU B 127 35.21 31.08 -8.14
N LEU B 128 34.93 32.23 -7.56
CA LEU B 128 34.02 33.16 -8.22
C LEU B 128 34.67 33.86 -9.39
N GLU B 129 36.00 34.01 -9.33
CA GLU B 129 36.73 34.84 -10.29
C GLU B 129 37.32 34.03 -11.45
N ASP B 130 37.78 32.82 -11.16
CA ASP B 130 38.45 31.99 -12.15
C ASP B 130 37.53 30.83 -12.48
N THR B 131 37.09 30.75 -13.73
CA THR B 131 36.09 29.75 -14.09
C THR B 131 36.69 28.52 -14.75
N GLU B 132 38.01 28.47 -14.87
CA GLU B 132 38.65 27.47 -15.71
C GLU B 132 39.87 26.71 -15.18
N THR B 133 40.74 27.36 -14.41
CA THR B 133 42.03 26.74 -14.03
C THR B 133 41.82 25.47 -13.19
N PRO B 134 42.31 24.32 -13.65
CA PRO B 134 42.07 23.11 -12.86
C PRO B 134 42.65 23.22 -11.46
N ILE B 135 41.89 22.70 -10.52
CA ILE B 135 42.28 22.72 -9.12
C ILE B 135 43.05 21.44 -8.79
N ASP B 136 44.12 21.57 -8.02
CA ASP B 136 44.94 20.40 -7.68
C ASP B 136 44.22 19.39 -6.79
N THR B 137 44.57 18.13 -6.96
CA THR B 137 44.05 17.10 -6.07
C THR B 137 45.22 16.21 -5.68
N THR B 138 45.07 15.54 -4.54
CA THR B 138 46.01 14.53 -4.09
C THR B 138 45.42 13.17 -4.35
N ILE B 139 46.27 12.26 -4.81
CA ILE B 139 45.87 10.86 -4.96
C ILE B 139 46.63 10.01 -3.94
N MET B 140 45.90 9.13 -3.27
CA MET B 140 46.43 8.24 -2.25
C MET B 140 45.85 6.84 -2.46
N ALA B 141 46.58 5.84 -2.00
CA ALA B 141 46.04 4.49 -1.88
C ALA B 141 45.25 4.39 -0.58
N LYS B 142 44.04 3.86 -0.67
CA LYS B 142 43.19 3.72 0.49
C LYS B 142 43.62 2.48 1.29
N SER B 143 43.63 2.60 2.61
CA SER B 143 43.92 1.45 3.48
C SER B 143 42.59 0.86 3.95
N GLU B 144 42.28 -0.35 3.50
CA GLU B 144 41.05 -1.06 3.89
C GLU B 144 41.39 -2.51 4.25
N VAL B 145 40.62 -3.07 5.18
CA VAL B 145 40.91 -4.41 5.71
C VAL B 145 39.95 -5.44 5.14
N PHE B 146 40.49 -6.58 4.75
CA PHE B 146 39.70 -7.66 4.21
C PHE B 146 40.24 -8.98 4.69
N CYS B 147 39.48 -10.03 4.38
CA CYS B 147 39.91 -11.41 4.56
C CYS B 147 40.37 -11.93 3.21
N VAL B 148 41.45 -12.72 3.20
CA VAL B 148 41.96 -13.27 1.94
C VAL B 148 40.89 -14.10 1.25
N GLN B 149 40.97 -14.16 -0.09
CA GLN B 149 39.98 -14.87 -0.90
C GLN B 149 40.09 -16.38 -0.74
N PRO B 150 38.94 -17.10 -0.78
CA PRO B 150 38.87 -18.56 -0.69
C PRO B 150 40.06 -19.26 -1.35
N GLU B 151 40.26 -19.04 -2.65
CA GLU B 151 41.40 -19.63 -3.35
C GLU B 151 42.69 -18.93 -2.94
N LYS B 152 43.79 -19.68 -2.91
CA LYS B 152 45.09 -19.15 -2.49
C LYS B 152 45.36 -17.76 -3.07
N GLY B 153 45.60 -16.80 -2.20
CA GLY B 153 45.87 -15.43 -2.60
C GLY B 153 44.65 -14.77 -3.21
N GLY B 154 44.88 -13.83 -4.12
CA GLY B 154 43.80 -13.13 -4.79
C GLY B 154 43.38 -11.88 -4.04
N ARG B 155 44.30 -11.32 -3.25
CA ARG B 155 44.03 -10.11 -2.48
C ARG B 155 43.52 -8.98 -3.38
N LYS B 156 42.74 -8.07 -2.80
CA LYS B 156 42.25 -6.92 -3.53
C LYS B 156 43.31 -5.82 -3.51
N PRO B 157 43.57 -5.19 -4.67
CA PRO B 157 44.48 -4.04 -4.63
C PRO B 157 43.82 -2.85 -3.95
N ALA B 158 44.62 -1.93 -3.43
CA ALA B 158 44.09 -0.71 -2.82
C ALA B 158 43.18 0.07 -3.78
N ARG B 159 42.13 0.67 -3.24
CA ARG B 159 41.36 1.65 -4.00
C ARG B 159 42.13 2.97 -3.98
N LEU B 160 41.89 3.79 -4.99
CA LEU B 160 42.57 5.09 -5.09
C LEU B 160 41.63 6.22 -4.70
N ILE B 161 42.03 7.04 -3.73
CA ILE B 161 41.20 8.18 -3.36
C ILE B 161 41.82 9.47 -3.88
N VAL B 162 40.94 10.36 -4.33
CA VAL B 162 41.38 11.63 -4.93
C VAL B 162 40.57 12.72 -4.25
N PHE B 163 41.27 13.70 -3.69
CA PHE B 163 40.63 14.78 -2.95
C PHE B 163 41.38 16.09 -3.06
N PRO B 164 40.64 17.21 -3.07
CA PRO B 164 41.25 18.53 -3.10
C PRO B 164 41.63 18.97 -1.69
N ASP B 165 42.32 20.09 -1.61
CA ASP B 165 42.82 20.61 -0.33
C ASP B 165 41.66 20.96 0.60
N LEU B 166 41.94 21.00 1.90
CA LEU B 166 40.93 21.33 2.91
C LEU B 166 40.17 22.64 2.63
N GLY B 167 40.86 23.69 2.22
CA GLY B 167 40.21 24.96 1.91
C GLY B 167 39.12 24.80 0.85
N VAL B 168 39.42 24.06 -0.20
CA VAL B 168 38.46 23.80 -1.26
C VAL B 168 37.28 22.99 -0.72
N ARG B 169 37.55 22.00 0.13
CA ARG B 169 36.50 21.13 0.65
C ARG B 169 35.52 21.95 1.47
N VAL B 170 36.01 22.92 2.23
CA VAL B 170 35.09 23.79 2.96
C VAL B 170 34.23 24.63 1.99
N CYS B 171 34.83 25.09 0.90
CA CYS B 171 34.06 25.86 -0.10
C CYS B 171 32.99 25.01 -0.79
N GLU B 172 33.30 23.75 -1.07
CA GLU B 172 32.33 22.84 -1.65
C GLU B 172 31.10 22.77 -0.76
N LYS B 173 31.33 22.66 0.54
CA LYS B 173 30.21 22.60 1.49
C LYS B 173 29.37 23.86 1.42
N MET B 174 30.02 25.02 1.39
CA MET B 174 29.26 26.27 1.32
C MET B 174 28.34 26.30 0.11
N ALA B 175 28.89 25.89 -1.04
CA ALA B 175 28.17 25.94 -2.29
C ALA B 175 27.12 24.84 -2.45
N LEU B 176 27.42 23.66 -1.94
CA LEU B 176 26.70 22.46 -2.37
C LEU B 176 26.12 21.56 -1.29
N TYR B 177 26.42 21.83 -0.02
CA TYR B 177 25.93 20.91 1.02
C TYR B 177 24.40 20.81 0.98
N ASP B 178 23.74 21.95 0.87
CA ASP B 178 22.28 21.93 0.90
C ASP B 178 21.75 21.26 -0.37
N VAL B 179 22.41 21.52 -1.49
CA VAL B 179 22.06 20.83 -2.74
C VAL B 179 22.14 19.31 -2.61
N VAL B 180 23.30 18.78 -2.25
CA VAL B 180 23.48 17.33 -2.24
C VAL B 180 22.66 16.69 -1.15
N SER B 181 22.20 17.50 -0.20
CA SER B 181 21.42 16.98 0.91
C SER B 181 19.93 16.91 0.60
N THR B 182 19.47 17.73 -0.34
CA THR B 182 18.04 17.93 -0.57
C THR B 182 17.59 17.51 -1.98
N LEU B 183 18.46 17.70 -2.95
CA LEU B 183 18.09 17.49 -4.35
C LEU B 183 17.84 16.03 -4.75
N PRO B 184 18.68 15.08 -4.26
CA PRO B 184 18.47 13.70 -4.70
C PRO B 184 17.07 13.16 -4.40
N GLN B 185 16.54 13.44 -3.21
CA GLN B 185 15.22 12.90 -2.89
C GLN B 185 14.13 13.65 -3.67
N ALA B 186 14.35 14.93 -3.93
CA ALA B 186 13.40 15.71 -4.72
C ALA B 186 13.32 15.14 -6.14
N VAL B 187 14.46 14.74 -6.67
CA VAL B 187 14.55 14.23 -8.03
C VAL B 187 14.11 12.76 -8.15
N MET B 188 14.56 11.94 -7.22
CA MET B 188 14.41 10.50 -7.36
C MET B 188 13.32 9.90 -6.50
N GLY B 189 12.77 10.70 -5.57
CA GLY B 189 11.68 10.24 -4.72
C GLY B 189 12.01 8.96 -3.98
N SER B 190 11.10 8.00 -3.99
CA SER B 190 11.29 6.77 -3.21
C SER B 190 12.48 5.92 -3.67
N SER B 191 13.02 6.20 -4.85
CA SER B 191 14.14 5.42 -5.33
C SER B 191 15.48 5.82 -4.70
N TYR B 192 15.51 6.93 -3.97
CA TYR B 192 16.76 7.39 -3.36
C TYR B 192 17.04 6.63 -2.08
N GLY B 193 18.07 5.78 -2.10
CA GLY B 193 18.29 4.84 -1.00
C GLY B 193 18.66 5.46 0.33
N PHE B 194 19.36 6.59 0.30
CA PHE B 194 19.90 7.18 1.53
C PHE B 194 18.88 7.83 2.46
N GLN B 195 17.63 7.95 2.01
CA GLN B 195 16.59 8.48 2.90
C GLN B 195 16.07 7.44 3.89
N TYR B 196 16.52 6.18 3.74
CA TYR B 196 15.98 5.08 4.53
C TYR B 196 16.92 4.61 5.62
N SER B 197 16.40 4.40 6.82
CA SER B 197 17.12 3.63 7.83
C SER B 197 17.11 2.17 7.37
N PRO B 198 17.90 1.31 8.03
CA PRO B 198 17.87 -0.09 7.56
C PRO B 198 16.46 -0.69 7.60
N LYS B 199 15.69 -0.38 8.63
CA LYS B 199 14.35 -0.96 8.76
C LYS B 199 13.43 -0.44 7.65
N GLN B 200 13.61 0.82 7.33
CA GLN B 200 12.83 1.45 6.26
C GLN B 200 13.25 0.92 4.91
N ARG B 201 14.53 0.63 4.75
CA ARG B 201 15.02 0.05 3.51
C ARG B 201 14.44 -1.35 3.29
N VAL B 202 14.46 -2.16 4.34
CA VAL B 202 13.86 -3.49 4.25
C VAL B 202 12.37 -3.40 3.97
N GLU B 203 11.71 -2.47 4.64
CA GLU B 203 10.28 -2.24 4.40
C GLU B 203 10.02 -1.91 2.93
N PHE B 204 10.82 -1.01 2.37
CA PHE B 204 10.64 -0.63 0.97
C PHE B 204 10.85 -1.82 0.04
N LEU B 205 11.92 -2.57 0.26
CA LEU B 205 12.21 -3.72 -0.60
C LEU B 205 11.13 -4.79 -0.50
N VAL B 206 10.71 -5.11 0.72
CA VAL B 206 9.72 -6.15 0.92
C VAL B 206 8.36 -5.72 0.35
N ASN B 207 7.96 -4.48 0.62
CA ASN B 207 6.69 -3.96 0.08
C ASN B 207 6.72 -3.94 -1.44
N THR B 208 7.86 -3.54 -1.99
CA THR B 208 8.02 -3.47 -3.45
C THR B 208 7.91 -4.87 -4.06
N TRP B 209 8.59 -5.85 -3.45
CA TRP B 209 8.56 -7.23 -3.90
C TRP B 209 7.14 -7.79 -3.88
N LYS B 210 6.44 -7.55 -2.78
CA LYS B 210 5.08 -8.06 -2.62
C LYS B 210 4.07 -7.36 -3.54
N SER B 211 4.42 -6.17 -4.03
CA SER B 211 3.51 -5.38 -4.85
C SER B 211 3.43 -5.88 -6.30
N LYS B 212 4.32 -6.80 -6.67
CA LYS B 212 4.31 -7.33 -8.03
C LYS B 212 3.54 -8.64 -8.06
N LYS B 213 2.84 -8.90 -9.15
CA LYS B 213 2.10 -10.15 -9.29
C LYS B 213 3.08 -11.31 -9.28
N CYS B 214 4.16 -11.16 -10.04
CA CYS B 214 5.23 -12.14 -10.05
C CYS B 214 6.56 -11.41 -10.11
N PRO B 215 7.18 -11.17 -8.95
CA PRO B 215 8.36 -10.31 -8.92
C PRO B 215 9.63 -10.99 -9.43
N MET B 216 10.47 -10.19 -10.08
CA MET B 216 11.83 -10.59 -10.46
C MET B 216 12.68 -9.40 -10.08
N GLY B 217 13.86 -9.67 -9.55
CA GLY B 217 14.75 -8.57 -9.22
C GLY B 217 16.19 -8.89 -9.57
N PHE B 218 17.00 -7.84 -9.66
CA PHE B 218 18.42 -8.01 -9.89
C PHE B 218 19.20 -6.85 -9.32
N SER B 219 20.41 -7.11 -8.85
CA SER B 219 21.36 -6.05 -8.58
C SER B 219 22.18 -5.82 -9.84
N TYR B 220 22.65 -4.59 -10.05
CA TYR B 220 23.52 -4.33 -11.19
C TYR B 220 24.83 -3.73 -10.69
N ASP B 221 25.91 -4.44 -10.97
CA ASP B 221 27.25 -4.05 -10.51
C ASP B 221 28.01 -3.41 -11.66
N THR B 222 28.17 -2.09 -11.63
CA THR B 222 28.95 -1.40 -12.64
C THR B 222 30.43 -1.59 -12.35
N ARG B 223 31.20 -1.93 -13.38
CA ARG B 223 32.63 -2.15 -13.19
C ARG B 223 33.32 -0.80 -12.96
N CYS B 224 33.94 -0.62 -11.79
CA CYS B 224 34.68 0.61 -11.50
C CYS B 224 33.87 1.86 -11.82
N PHE B 225 32.74 2.05 -11.15
CA PHE B 225 31.80 3.08 -11.54
C PHE B 225 32.43 4.49 -11.66
N ASP B 226 33.24 4.90 -10.68
CA ASP B 226 33.85 6.24 -10.74
C ASP B 226 34.58 6.47 -12.05
N SER B 227 35.26 5.43 -12.54
CA SER B 227 36.05 5.55 -13.76
C SER B 227 35.19 5.65 -15.01
N THR B 228 33.95 5.16 -14.92
CA THR B 228 33.04 5.19 -16.06
C THR B 228 32.33 6.53 -16.24
N VAL B 229 32.37 7.38 -15.22
CA VAL B 229 31.72 8.68 -15.25
C VAL B 229 32.49 9.61 -16.18
N THR B 230 31.82 10.09 -17.22
CA THR B 230 32.47 10.89 -18.25
C THR B 230 32.36 12.37 -17.97
N GLU B 231 33.09 13.17 -18.73
CA GLU B 231 32.94 14.61 -18.63
C GLU B 231 31.49 15.03 -18.95
N SER B 232 30.89 14.43 -19.98
CA SER B 232 29.48 14.68 -20.27
C SER B 232 28.59 14.41 -19.06
N ASP B 233 28.83 13.29 -18.37
CA ASP B 233 28.02 12.91 -17.21
C ASP B 233 28.07 13.97 -16.14
N ILE B 234 29.27 14.48 -15.89
CA ILE B 234 29.46 15.47 -14.82
C ILE B 234 28.82 16.81 -15.19
N ARG B 235 28.86 17.17 -16.47
CA ARG B 235 28.14 18.38 -16.91
C ARG B 235 26.62 18.19 -16.89
N VAL B 236 26.16 16.97 -17.19
CA VAL B 236 24.73 16.67 -17.07
C VAL B 236 24.28 16.80 -15.61
N GLU B 237 25.08 16.24 -14.70
CA GLU B 237 24.83 16.38 -13.29
CA GLU B 237 24.82 16.39 -13.27
C GLU B 237 24.75 17.85 -12.88
N GLU B 238 25.69 18.66 -13.38
CA GLU B 238 25.65 20.09 -13.07
C GLU B 238 24.36 20.73 -13.61
N SER B 239 23.93 20.30 -14.80
CA SER B 239 22.71 20.86 -15.40
C SER B 239 21.49 20.62 -14.50
N ILE B 240 21.52 19.52 -13.75
CA ILE B 240 20.46 19.25 -12.78
C ILE B 240 20.58 20.19 -11.57
N TYR B 241 21.79 20.32 -11.03
CA TYR B 241 22.02 21.27 -9.94
C TYR B 241 21.60 22.72 -10.30
N GLN B 242 21.85 23.13 -11.54
CA GLN B 242 21.55 24.52 -11.99
C GLN B 242 20.05 24.79 -12.08
N CYS B 243 19.23 23.73 -11.97
CA CYS B 243 17.79 23.94 -11.92
C CYS B 243 17.28 24.44 -10.58
N CYS B 244 18.10 24.32 -9.53
CA CYS B 244 17.71 24.79 -8.20
C CYS B 244 17.68 26.31 -8.18
N ASP B 245 16.91 26.86 -7.27
CA ASP B 245 17.06 28.28 -6.99
C ASP B 245 18.33 28.42 -6.15
N LEU B 246 19.26 29.23 -6.63
CA LEU B 246 20.58 29.36 -6.02
C LEU B 246 20.96 30.83 -5.85
N ALA B 247 21.68 31.12 -4.77
CA ALA B 247 22.32 32.43 -4.64
C ALA B 247 23.27 32.58 -5.81
N PRO B 248 23.45 33.81 -6.31
CA PRO B 248 24.35 34.06 -7.46
C PRO B 248 25.75 33.51 -7.21
N GLU B 249 26.32 33.75 -6.04
CA GLU B 249 27.64 33.21 -5.73
C GLU B 249 27.67 31.69 -5.69
N ALA B 250 26.59 31.07 -5.19
CA ALA B 250 26.48 29.61 -5.22
C ALA B 250 26.46 29.11 -6.65
N ARG B 251 25.72 29.80 -7.52
CA ARG B 251 25.63 29.37 -8.90
C ARG B 251 27.00 29.44 -9.60
N GLN B 252 27.75 30.51 -9.37
CA GLN B 252 29.09 30.60 -9.94
C GLN B 252 30.03 29.54 -9.33
N ALA B 253 29.96 29.37 -8.02
CA ALA B 253 30.84 28.37 -7.37
C ALA B 253 30.60 26.97 -7.97
N ILE B 254 29.34 26.63 -8.20
CA ILE B 254 29.02 25.33 -8.77
C ILE B 254 29.55 25.18 -10.21
N ARG B 255 29.40 26.24 -11.00
CA ARG B 255 29.90 26.28 -12.38
C ARG B 255 31.43 26.12 -12.36
N SER B 256 32.08 26.87 -11.49
CA SER B 256 33.56 26.84 -11.39
C SER B 256 34.07 25.50 -10.85
N LEU B 257 33.44 24.99 -9.79
CA LEU B 257 33.84 23.70 -9.23
C LEU B 257 33.63 22.61 -10.28
N THR B 258 32.54 22.68 -11.01
CA THR B 258 32.32 21.70 -12.07
C THR B 258 33.48 21.65 -13.07
N GLU B 259 33.86 22.79 -13.63
CA GLU B 259 34.90 22.82 -14.66
C GLU B 259 36.30 22.67 -14.10
N ARG B 260 36.50 23.08 -12.86
CA ARG B 260 37.86 23.12 -12.33
C ARG B 260 38.22 21.90 -11.48
N LEU B 261 37.21 21.20 -11.01
CA LEU B 261 37.41 20.09 -10.07
C LEU B 261 36.66 18.84 -10.43
N TYR B 262 35.33 18.95 -10.62
CA TYR B 262 34.53 17.74 -10.74
C TYR B 262 34.80 16.98 -12.05
N ILE B 263 34.97 17.71 -13.16
CA ILE B 263 35.14 17.03 -14.45
CA ILE B 263 35.14 17.06 -14.46
C ILE B 263 36.51 16.41 -14.61
N GLY B 264 37.46 16.81 -13.77
CA GLY B 264 38.80 16.25 -13.86
C GLY B 264 39.85 17.24 -13.40
N GLY B 265 41.11 16.86 -13.50
CA GLY B 265 42.19 17.75 -13.12
C GLY B 265 43.45 16.97 -12.79
N PRO B 266 44.50 17.70 -12.43
CA PRO B 266 45.81 17.08 -12.18
C PRO B 266 45.83 16.29 -10.87
N LEU B 267 46.65 15.24 -10.84
CA LEU B 267 46.79 14.39 -9.66
C LEU B 267 48.22 14.55 -9.14
N THR B 268 48.35 14.77 -7.84
CA THR B 268 49.64 14.96 -7.19
C THR B 268 49.77 13.91 -6.10
N ASN B 269 50.94 13.29 -5.97
CA ASN B 269 51.11 12.28 -4.92
C ASN B 269 51.50 12.92 -3.58
N SER B 270 51.66 12.12 -2.54
CA SER B 270 51.96 12.65 -1.22
C SER B 270 53.31 13.38 -1.18
N LYS B 271 54.17 13.08 -2.16
CA LYS B 271 55.48 13.71 -2.23
C LYS B 271 55.49 15.02 -3.01
N GLY B 272 54.35 15.39 -3.61
CA GLY B 272 54.26 16.63 -4.35
C GLY B 272 54.60 16.47 -5.82
N GLN B 273 54.76 15.23 -6.27
CA GLN B 273 55.07 14.96 -7.66
C GLN B 273 53.79 14.83 -8.51
N ASN B 274 53.87 15.31 -9.74
CA ASN B 274 52.78 15.16 -10.71
C ASN B 274 52.65 13.68 -11.11
N CYS B 275 51.50 13.10 -10.77
CA CYS B 275 51.20 11.69 -11.02
C CYS B 275 50.43 11.47 -12.31
N GLY B 276 49.69 12.48 -12.72
CA GLY B 276 48.94 12.36 -13.96
C GLY B 276 47.71 13.22 -13.96
N TYR B 277 46.67 12.77 -14.65
CA TYR B 277 45.50 13.61 -14.89
C TYR B 277 44.25 12.73 -14.86
N ARG B 278 43.20 13.23 -14.21
CA ARG B 278 41.93 12.51 -14.07
C ARG B 278 40.88 13.13 -14.99
N ARG B 279 40.10 12.30 -15.68
CA ARG B 279 38.96 12.77 -16.48
C ARG B 279 37.70 11.98 -16.10
N CYS B 280 37.61 11.60 -14.84
CA CYS B 280 36.44 10.88 -14.35
C CYS B 280 36.12 11.36 -12.94
N ARG B 281 35.22 10.65 -12.26
CA ARG B 281 34.78 11.03 -10.92
C ARG B 281 35.91 10.91 -9.93
N ALA B 282 36.11 11.95 -9.11
CA ALA B 282 36.99 11.88 -7.96
C ALA B 282 36.22 11.27 -6.80
N SER B 283 36.86 10.37 -6.05
CA SER B 283 36.19 9.68 -4.96
C SER B 283 35.93 10.64 -3.82
N GLY B 284 36.81 11.61 -3.64
CA GLY B 284 36.79 12.41 -2.43
C GLY B 284 36.32 13.85 -2.56
N VAL B 285 35.16 14.06 -3.17
CA VAL B 285 34.59 15.40 -3.25
C VAL B 285 33.14 15.29 -2.77
N LEU B 286 32.56 16.43 -2.41
CA LEU B 286 31.24 16.44 -1.77
C LEU B 286 30.14 15.90 -2.68
N THR B 287 30.29 16.09 -3.99
CA THR B 287 29.24 15.68 -4.94
C THR B 287 29.35 14.21 -5.37
N THR B 288 30.30 13.47 -4.83
CA THR B 288 30.48 12.12 -5.35
C THR B 288 29.28 11.22 -5.07
N SER B 289 28.77 11.22 -3.85
CA SER B 289 27.59 10.38 -3.57
C SER B 289 26.37 10.80 -4.39
N CYS B 290 26.03 12.09 -4.31
CA CYS B 290 24.85 12.63 -5.00
C CYS B 290 24.98 12.43 -6.50
N GLY B 291 26.12 12.84 -7.05
CA GLY B 291 26.37 12.70 -8.48
C GLY B 291 26.33 11.27 -8.96
N ASN B 292 26.95 10.33 -8.23
CA ASN B 292 26.91 8.94 -8.66
C ASN B 292 25.47 8.43 -8.62
N THR B 293 24.75 8.81 -7.58
CA THR B 293 23.37 8.33 -7.42
C THR B 293 22.51 8.84 -8.59
N LEU B 294 22.62 10.14 -8.85
CA LEU B 294 21.86 10.76 -9.96
C LEU B 294 22.22 10.11 -11.28
N THR B 295 23.51 9.91 -11.49
CA THR B 295 23.99 9.36 -12.76
C THR B 295 23.57 7.91 -12.92
N CYS B 296 23.71 7.13 -11.85
CA CYS B 296 23.27 5.74 -11.91
C CYS B 296 21.74 5.65 -12.18
N TYR B 297 20.98 6.48 -11.49
CA TYR B 297 19.52 6.50 -11.64
C TYR B 297 19.13 6.88 -13.08
N LEU B 298 19.80 7.90 -13.62
CA LEU B 298 19.49 8.38 -14.95
C LEU B 298 19.76 7.27 -15.96
N LYS B 299 20.94 6.68 -15.89
CA LYS B 299 21.29 5.64 -16.86
C LYS B 299 20.40 4.39 -16.72
N ALA B 300 20.15 3.96 -15.48
CA ALA B 300 19.36 2.76 -15.25
C ALA B 300 17.89 2.96 -15.62
N THR B 301 17.35 4.14 -15.30
CA THR B 301 15.95 4.42 -15.64
C THR B 301 15.78 4.40 -17.15
N ALA B 302 16.69 5.04 -17.88
CA ALA B 302 16.65 5.02 -19.33
C ALA B 302 16.86 3.62 -19.89
N ALA B 303 17.78 2.86 -19.30
CA ALA B 303 18.04 1.50 -19.75
C ALA B 303 16.85 0.56 -19.52
N CYS B 304 16.14 0.74 -18.42
CA CYS B 304 14.95 -0.07 -18.17
C CYS B 304 13.93 0.15 -19.29
N ARG B 305 13.81 1.37 -19.78
CA ARG B 305 12.87 1.67 -20.89
C ARG B 305 13.33 1.02 -22.19
N ALA B 306 14.63 1.09 -22.48
CA ALA B 306 15.18 0.48 -23.68
C ALA B 306 14.99 -1.04 -23.61
N ALA B 307 15.06 -1.57 -22.39
CA ALA B 307 14.99 -3.02 -22.19
C ALA B 307 13.55 -3.51 -22.13
N LYS B 308 12.61 -2.56 -22.05
CA LYS B 308 11.20 -2.92 -21.89
C LYS B 308 10.95 -3.81 -20.67
N LEU B 309 11.64 -3.52 -19.57
CA LEU B 309 11.37 -4.14 -18.28
C LEU B 309 10.03 -3.59 -17.79
N GLN B 310 9.17 -4.45 -17.25
CA GLN B 310 7.83 -4.02 -16.88
C GLN B 310 7.67 -3.58 -15.43
N ASP B 311 7.17 -2.37 -15.24
CA ASP B 311 6.77 -1.90 -13.92
C ASP B 311 7.95 -1.92 -12.97
N CYS B 312 9.04 -1.28 -13.37
CA CYS B 312 10.27 -1.32 -12.59
C CYS B 312 10.20 -0.39 -11.39
N THR B 313 10.75 -0.87 -10.28
CA THR B 313 10.97 -0.02 -9.12
C THR B 313 12.46 -0.11 -8.82
N MET B 314 13.14 1.02 -8.75
CA MET B 314 14.57 0.98 -8.46
C MET B 314 14.94 1.54 -7.09
N LEU B 315 16.05 1.06 -6.55
CA LEU B 315 16.61 1.61 -5.33
C LEU B 315 18.09 1.85 -5.61
N VAL B 316 18.52 3.10 -5.45
CA VAL B 316 19.85 3.53 -5.85
C VAL B 316 20.58 4.17 -4.68
N ASN B 317 21.79 3.71 -4.40
CA ASN B 317 22.64 4.27 -3.38
C ASN B 317 24.01 4.47 -4.02
N GLY B 318 24.29 5.65 -4.55
CA GLY B 318 25.55 5.87 -5.23
C GLY B 318 25.62 4.98 -6.44
N ASP B 319 26.67 4.15 -6.53
CA ASP B 319 26.77 3.22 -7.66
C ASP B 319 25.99 1.94 -7.41
N ASP B 320 25.45 1.78 -6.21
CA ASP B 320 24.71 0.55 -5.92
C ASP B 320 23.28 0.63 -6.45
N LEU B 321 22.88 -0.38 -7.21
CA LEU B 321 21.57 -0.36 -7.86
C LEU B 321 20.87 -1.71 -7.74
N VAL B 322 19.60 -1.67 -7.36
CA VAL B 322 18.79 -2.88 -7.39
C VAL B 322 17.47 -2.52 -8.06
N VAL B 323 16.98 -3.44 -8.90
CA VAL B 323 15.75 -3.21 -9.64
C VAL B 323 14.82 -4.36 -9.34
N ILE B 324 13.55 -4.06 -9.06
CA ILE B 324 12.53 -5.08 -8.89
C ILE B 324 11.41 -4.78 -9.89
N CYS B 325 11.02 -5.77 -10.68
CA CYS B 325 10.03 -5.54 -11.72
C CYS B 325 9.04 -6.69 -11.80
N GLU B 326 8.12 -6.60 -12.76
CA GLU B 326 7.14 -7.65 -13.02
C GLU B 326 7.69 -8.64 -14.03
N SER B 327 7.77 -9.90 -13.64
CA SER B 327 8.35 -10.92 -14.48
C SER B 327 7.53 -11.14 -15.75
N ALA B 328 8.21 -11.35 -16.86
CA ALA B 328 7.53 -11.69 -18.10
C ALA B 328 7.72 -13.17 -18.40
N GLY B 329 8.27 -13.90 -17.45
CA GLY B 329 8.63 -15.30 -17.67
C GLY B 329 10.14 -15.43 -17.68
N THR B 330 10.64 -16.64 -17.43
CA THR B 330 12.06 -16.88 -17.25
C THR B 330 12.91 -16.46 -18.45
N GLN B 331 12.48 -16.88 -19.63
CA GLN B 331 13.24 -16.65 -20.86
C GLN B 331 13.23 -15.17 -21.26
N GLU B 332 12.06 -14.54 -21.19
CA GLU B 332 11.96 -13.14 -21.57
C GLU B 332 12.68 -12.24 -20.57
N ASP B 333 12.64 -12.59 -19.28
CA ASP B 333 13.35 -11.82 -18.26
C ASP B 333 14.86 -11.84 -18.50
N ALA B 334 15.38 -13.02 -18.84
CA ALA B 334 16.80 -13.14 -19.10
C ALA B 334 17.18 -12.29 -20.30
N ALA B 335 16.36 -12.32 -21.34
CA ALA B 335 16.60 -11.52 -22.53
C ALA B 335 16.51 -10.02 -22.22
N ALA B 336 15.52 -9.65 -21.42
CA ALA B 336 15.36 -8.23 -21.09
C ALA B 336 16.52 -7.70 -20.26
N LEU B 337 16.98 -8.52 -19.31
CA LEU B 337 18.12 -8.11 -18.49
C LEU B 337 19.38 -7.93 -19.35
N ARG B 338 19.58 -8.80 -20.33
CA ARG B 338 20.71 -8.65 -21.23
C ARG B 338 20.58 -7.37 -22.06
N ALA B 339 19.36 -7.04 -22.48
CA ALA B 339 19.12 -5.80 -23.22
C ALA B 339 19.37 -4.59 -22.31
N PHE B 340 19.04 -4.74 -21.03
CA PHE B 340 19.28 -3.66 -20.07
C PHE B 340 20.78 -3.41 -19.95
N THR B 341 21.53 -4.49 -19.79
CA THR B 341 22.99 -4.39 -19.72
C THR B 341 23.63 -3.76 -20.97
N GLU B 342 23.15 -4.12 -22.15
CA GLU B 342 23.70 -3.48 -23.36
C GLU B 342 23.41 -1.98 -23.37
N ALA B 343 22.23 -1.59 -22.87
CA ALA B 343 21.89 -0.16 -22.81
C ALA B 343 22.77 0.58 -21.81
N MET B 344 22.97 0.00 -20.63
CA MET B 344 23.88 0.56 -19.65
C MET B 344 25.29 0.66 -20.19
N THR B 345 25.71 -0.35 -20.95
CA THR B 345 27.03 -0.34 -21.55
C THR B 345 27.17 0.83 -22.52
N ARG B 346 26.13 1.08 -23.33
CA ARG B 346 26.20 2.20 -24.27
C ARG B 346 26.30 3.52 -23.53
N TYR B 347 25.71 3.58 -22.35
CA TYR B 347 25.73 4.79 -21.53
C TYR B 347 27.02 4.92 -20.71
N SER B 348 28.00 4.07 -20.95
N SER B 348 27.93 3.97 -20.91
CA SER B 348 29.23 4.07 -20.16
CA SER B 348 29.27 3.96 -20.31
C SER B 348 28.94 3.62 -18.73
C SER B 348 29.39 3.15 -19.01
N ALA B 349 28.32 2.46 -18.61
CA ALA B 349 28.24 1.77 -17.31
C ALA B 349 28.16 0.26 -17.51
N PRO B 350 29.22 -0.33 -18.06
CA PRO B 350 29.26 -1.76 -18.35
C PRO B 350 29.38 -2.51 -17.02
N PRO B 351 28.98 -3.78 -16.99
CA PRO B 351 28.90 -4.51 -15.73
C PRO B 351 30.23 -5.14 -15.34
N GLY B 352 30.44 -5.33 -14.04
CA GLY B 352 31.52 -6.17 -13.55
C GLY B 352 31.03 -7.60 -13.63
N ASP B 353 30.36 -8.06 -12.57
CA ASP B 353 29.70 -9.36 -12.60
C ASP B 353 28.42 -9.18 -13.42
N PRO B 354 28.19 -10.02 -14.44
CA PRO B 354 26.96 -9.86 -15.23
C PRO B 354 25.73 -10.08 -14.37
N PRO B 355 24.70 -9.25 -14.55
CA PRO B 355 23.55 -9.37 -13.66
C PRO B 355 22.79 -10.65 -13.91
N GLN B 356 22.08 -11.12 -12.90
CA GLN B 356 21.29 -12.32 -13.02
C GLN B 356 19.89 -12.09 -12.46
N PRO B 357 18.86 -12.55 -13.19
CA PRO B 357 17.49 -12.44 -12.67
C PRO B 357 17.32 -13.28 -11.41
N GLU B 358 16.67 -12.71 -10.39
CA GLU B 358 16.47 -13.41 -9.13
C GLU B 358 14.98 -13.46 -8.84
N TYR B 359 14.47 -14.61 -8.41
CA TYR B 359 13.04 -14.73 -8.14
C TYR B 359 12.75 -14.94 -6.64
N ASP B 360 13.80 -14.78 -5.84
CA ASP B 360 13.70 -14.91 -4.39
C ASP B 360 14.34 -13.67 -3.80
N LEU B 361 13.56 -12.86 -3.08
CA LEU B 361 14.07 -11.59 -2.57
C LEU B 361 15.33 -11.77 -1.73
N GLU B 362 15.41 -12.89 -1.01
CA GLU B 362 16.49 -13.11 -0.06
C GLU B 362 17.82 -13.32 -0.77
N LEU B 363 17.76 -13.68 -2.05
CA LEU B 363 18.96 -14.00 -2.81
C LEU B 363 19.59 -12.78 -3.50
N ILE B 364 18.94 -11.62 -3.37
CA ILE B 364 19.48 -10.42 -3.98
C ILE B 364 20.38 -9.69 -2.98
N THR B 365 21.61 -9.44 -3.37
CA THR B 365 22.50 -8.63 -2.56
C THR B 365 22.59 -7.23 -3.16
N SER B 366 22.31 -6.22 -2.35
CA SER B 366 22.36 -4.83 -2.79
C SER B 366 22.89 -4.01 -1.63
N CYS B 367 23.82 -3.09 -1.92
CA CYS B 367 24.58 -2.42 -0.87
C CYS B 367 25.22 -3.43 0.08
N SER B 368 25.74 -4.51 -0.50
CA SER B 368 26.40 -5.57 0.23
C SER B 368 25.52 -6.32 1.22
N SER B 369 24.20 -6.15 1.14
CA SER B 369 23.30 -6.74 2.11
C SER B 369 22.14 -7.48 1.45
N ASN B 370 21.53 -8.40 2.18
CA ASN B 370 20.35 -9.10 1.70
C ASN B 370 19.26 -9.10 2.75
N VAL B 371 18.02 -9.25 2.30
CA VAL B 371 16.90 -9.39 3.21
C VAL B 371 16.89 -10.79 3.78
N SER B 372 16.62 -10.91 5.09
CA SER B 372 16.40 -12.22 5.68
C SER B 372 15.24 -12.13 6.66
N VAL B 373 14.84 -13.27 7.21
CA VAL B 373 13.68 -13.32 8.09
C VAL B 373 14.02 -13.98 9.43
N ALA B 374 13.49 -13.42 10.52
CA ALA B 374 13.53 -14.08 11.82
C ALA B 374 12.17 -13.90 12.49
N HIS B 375 12.05 -14.26 13.77
CA HIS B 375 10.78 -14.09 14.47
C HIS B 375 10.95 -13.30 15.76
N ASP B 376 10.01 -12.43 16.08
CA ASP B 376 10.12 -11.71 17.34
C ASP B 376 9.57 -12.55 18.50
N ALA B 377 9.60 -11.97 19.70
CA ALA B 377 9.19 -12.69 20.90
C ALA B 377 7.78 -13.28 20.78
N SER B 378 6.92 -12.60 20.01
CA SER B 378 5.54 -13.04 19.86
C SER B 378 5.35 -14.00 18.68
N GLY B 379 6.44 -14.40 18.06
CA GLY B 379 6.38 -15.35 16.95
C GLY B 379 6.15 -14.72 15.59
N LYS B 380 5.90 -13.41 15.58
CA LYS B 380 5.65 -12.69 14.34
C LYS B 380 6.90 -12.65 13.45
N ARG B 381 6.72 -12.86 12.15
CA ARG B 381 7.84 -12.77 11.21
C ARG B 381 8.37 -11.35 11.14
N VAL B 382 9.69 -11.23 11.22
CA VAL B 382 10.36 -9.93 11.04
C VAL B 382 11.42 -10.00 9.94
N TYR B 383 11.31 -9.10 8.97
CA TYR B 383 12.33 -8.96 7.94
C TYR B 383 13.43 -8.03 8.43
N TYR B 384 14.67 -8.30 8.04
CA TYR B 384 15.77 -7.44 8.45
C TYR B 384 16.91 -7.56 7.45
N LEU B 385 17.83 -6.61 7.48
CA LEU B 385 18.96 -6.64 6.56
C LEU B 385 20.19 -7.26 7.23
N THR B 386 20.85 -8.14 6.49
CA THR B 386 22.06 -8.79 6.98
C THR B 386 23.06 -8.87 5.82
N ARG B 387 24.24 -9.43 6.09
CA ARG B 387 25.26 -9.61 5.08
C ARG B 387 26.22 -10.67 5.56
N ASP B 388 27.04 -11.19 4.66
CA ASP B 388 28.14 -12.06 5.05
C ASP B 388 28.99 -11.28 6.05
N PRO B 389 29.27 -11.87 7.22
CA PRO B 389 29.96 -11.12 8.30
C PRO B 389 31.49 -11.12 8.17
N THR B 390 32.02 -11.71 7.11
CA THR B 390 33.48 -11.87 6.97
C THR B 390 34.24 -10.54 7.07
N THR B 391 33.84 -9.57 6.25
CA THR B 391 34.55 -8.30 6.29
C THR B 391 34.31 -7.52 7.59
N PRO B 392 33.06 -7.44 8.06
CA PRO B 392 32.87 -6.83 9.39
C PRO B 392 33.73 -7.48 10.51
N LEU B 393 33.85 -8.80 10.52
CA LEU B 393 34.62 -9.45 11.59
C LEU B 393 36.12 -9.22 11.45
N ALA B 394 36.62 -9.27 10.21
CA ALA B 394 38.04 -8.99 9.97
C ALA B 394 38.38 -7.56 10.42
N ARG B 395 37.52 -6.59 10.07
CA ARG B 395 37.74 -5.20 10.45
C ARG B 395 37.62 -5.00 11.96
N ALA B 396 36.67 -5.70 12.57
CA ALA B 396 36.52 -5.65 14.01
C ALA B 396 37.80 -6.15 14.69
N ALA B 397 38.39 -7.22 14.17
CA ALA B 397 39.62 -7.75 14.76
C ALA B 397 40.78 -6.74 14.60
N TRP B 398 40.84 -6.09 13.44
CA TRP B 398 41.86 -5.09 13.18
C TRP B 398 41.73 -3.92 14.15
N GLU B 399 40.52 -3.40 14.26
CA GLU B 399 40.20 -2.26 15.11
C GLU B 399 40.35 -2.57 16.59
N THR B 400 40.32 -3.85 16.94
CA THR B 400 40.62 -4.27 18.32
C THR B 400 42.12 -4.14 18.59
N ALA B 401 42.93 -4.50 17.62
CA ALA B 401 44.38 -4.53 17.80
C ALA B 401 45.05 -3.18 17.49
N ARG B 402 44.45 -2.42 16.58
CA ARG B 402 45.03 -1.15 16.14
C ARG B 402 44.00 -0.02 16.22
N HIS B 403 44.41 1.12 16.78
CA HIS B 403 43.53 2.28 16.83
C HIS B 403 43.23 2.79 15.42
N THR B 404 41.97 3.10 15.16
CA THR B 404 41.57 3.56 13.83
C THR B 404 40.72 4.81 13.95
N PRO B 405 40.81 5.69 12.95
CA PRO B 405 40.04 6.93 12.96
C PRO B 405 38.54 6.63 13.01
N ILE B 406 38.12 5.68 12.19
CA ILE B 406 36.73 5.26 12.16
C ILE B 406 36.57 3.82 12.67
N ASN B 407 35.64 3.64 13.59
CA ASN B 407 35.33 2.30 14.12
C ASN B 407 34.22 1.66 13.31
N SER B 408 34.57 0.84 12.32
CA SER B 408 33.56 0.21 11.51
C SER B 408 32.68 -0.67 12.37
N TRP B 409 33.25 -1.22 13.45
CA TRP B 409 32.47 -2.15 14.27
C TRP B 409 31.24 -1.49 14.90
N LEU B 410 31.39 -0.22 15.29
CA LEU B 410 30.29 0.49 15.90
C LEU B 410 29.19 0.81 14.86
N GLY B 411 29.61 1.25 13.68
CA GLY B 411 28.68 1.43 12.57
C GLY B 411 27.98 0.14 12.22
N ASN B 412 28.72 -0.97 12.23
CA ASN B 412 28.12 -2.27 11.96
C ASN B 412 27.11 -2.71 13.02
N ILE B 413 27.40 -2.43 14.28
CA ILE B 413 26.44 -2.75 15.33
C ILE B 413 25.16 -1.94 15.13
N ILE B 414 25.31 -0.67 14.77
CA ILE B 414 24.13 0.19 14.59
C ILE B 414 23.28 -0.25 13.40
N MET B 415 23.94 -0.46 12.27
CA MET B 415 23.24 -0.75 11.03
C MET B 415 22.74 -2.20 10.93
N TYR B 416 23.47 -3.14 11.54
CA TYR B 416 23.09 -4.55 11.52
C TYR B 416 22.68 -5.09 12.90
N ALA B 417 22.18 -4.23 13.76
CA ALA B 417 21.84 -4.63 15.13
C ALA B 417 20.91 -5.85 15.25
N PRO B 418 19.99 -6.03 14.30
CA PRO B 418 19.10 -7.19 14.44
C PRO B 418 19.75 -8.52 14.07
N THR B 419 20.95 -8.48 13.49
CA THR B 419 21.56 -9.70 12.99
C THR B 419 22.13 -10.57 14.12
N LEU B 420 22.14 -11.87 13.85
CA LEU B 420 22.69 -12.88 14.74
C LEU B 420 24.16 -12.58 15.07
N TRP B 421 24.93 -12.26 14.04
CA TRP B 421 26.36 -11.99 14.21
C TRP B 421 26.67 -10.65 14.89
N ALA B 422 25.91 -9.59 14.60
CA ALA B 422 26.16 -8.34 15.30
C ALA B 422 25.83 -8.46 16.78
N ARG B 423 24.75 -9.18 17.10
CA ARG B 423 24.31 -9.33 18.48
C ARG B 423 25.22 -10.25 19.30
N MET B 424 25.54 -11.41 18.74
CA MET B 424 26.22 -12.42 19.56
C MET B 424 27.72 -12.20 19.60
N ILE B 425 28.27 -11.64 18.52
CA ILE B 425 29.71 -11.49 18.42
C ILE B 425 30.16 -10.06 18.63
N LEU B 426 29.70 -9.13 17.79
CA LEU B 426 30.22 -7.77 17.87
C LEU B 426 29.86 -7.09 19.19
N MET B 427 28.60 -7.15 19.60
CA MET B 427 28.19 -6.55 20.86
C MET B 427 28.97 -7.17 22.03
N THR B 428 29.00 -8.51 22.07
CA THR B 428 29.65 -9.23 23.17
C THR B 428 31.13 -8.85 23.26
N HIS B 429 31.81 -8.89 22.11
CA HIS B 429 33.25 -8.66 22.09
C HIS B 429 33.58 -7.23 22.53
N PHE B 430 32.91 -6.25 21.95
CA PHE B 430 33.27 -4.88 22.23
C PHE B 430 32.80 -4.39 23.59
N PHE B 431 31.62 -4.84 24.05
CA PHE B 431 31.20 -4.50 25.40
C PHE B 431 32.10 -5.13 26.44
N SER B 432 32.59 -6.33 26.16
CA SER B 432 33.55 -6.97 27.07
C SER B 432 34.81 -6.13 27.22
N ILE B 433 35.34 -5.66 26.09
CA ILE B 433 36.56 -4.84 26.07
C ILE B 433 36.34 -3.50 26.78
N LEU B 434 35.25 -2.83 26.42
CA LEU B 434 34.95 -1.51 26.96
C LEU B 434 34.73 -1.57 28.46
N LEU B 435 34.13 -2.66 28.92
CA LEU B 435 33.91 -2.88 30.34
C LEU B 435 35.26 -3.03 31.04
N ALA B 436 36.14 -3.85 30.47
CA ALA B 436 37.42 -4.15 31.07
C ALA B 436 38.33 -2.93 31.15
N GLN B 437 38.19 -2.03 30.17
CA GLN B 437 39.05 -0.85 30.12
C GLN B 437 38.32 0.36 30.70
N GLU B 438 37.10 0.14 31.17
CA GLU B 438 36.29 1.20 31.77
C GLU B 438 36.08 2.39 30.81
N GLN B 439 35.75 2.08 29.56
CA GLN B 439 35.56 3.11 28.55
C GLN B 439 34.15 3.08 27.96
N LEU B 440 33.19 2.56 28.73
CA LEU B 440 31.80 2.52 28.27
C LEU B 440 31.27 3.90 27.89
N GLU B 441 31.79 4.93 28.57
CA GLU B 441 31.25 6.29 28.44
C GLU B 441 31.93 7.12 27.36
N LYS B 442 33.04 6.62 26.84
CA LYS B 442 33.85 7.34 25.87
C LYS B 442 33.23 7.31 24.49
N ALA B 443 33.01 8.48 23.90
CA ALA B 443 32.42 8.58 22.57
C ALA B 443 33.38 8.11 21.49
N LEU B 444 32.86 7.39 20.52
CA LEU B 444 33.69 6.85 19.45
C LEU B 444 33.19 7.29 18.08
N ASP B 445 34.12 7.52 17.17
CA ASP B 445 33.79 7.90 15.80
C ASP B 445 33.41 6.71 14.94
N CYS B 446 32.29 6.83 14.23
CA CYS B 446 31.92 5.85 13.23
C CYS B 446 31.28 6.57 12.04
N GLN B 447 30.89 5.82 11.04
CA GLN B 447 30.28 6.42 9.84
C GLN B 447 28.94 5.76 9.57
N ILE B 448 28.01 6.57 9.09
CA ILE B 448 26.70 6.08 8.67
C ILE B 448 26.42 6.76 7.35
N TYR B 449 26.23 5.98 6.29
CA TYR B 449 26.06 6.54 4.96
C TYR B 449 27.15 7.55 4.66
N GLY B 450 28.37 7.24 5.10
CA GLY B 450 29.54 8.04 4.76
C GLY B 450 29.81 9.26 5.61
N ALA B 451 28.84 9.71 6.39
CA ALA B 451 29.04 10.82 7.31
C ALA B 451 29.59 10.30 8.64
N CYS B 452 30.46 11.09 9.25
CA CYS B 452 31.07 10.73 10.53
C CYS B 452 30.22 11.20 11.72
N TYR B 453 29.98 10.27 12.65
CA TYR B 453 29.24 10.57 13.87
C TYR B 453 30.06 10.20 15.08
N SER B 454 29.89 10.95 16.15
CA SER B 454 30.47 10.59 17.45
C SER B 454 29.38 10.00 18.33
N ILE B 455 29.56 8.73 18.70
CA ILE B 455 28.51 7.96 19.36
C ILE B 455 29.04 7.38 20.68
N GLU B 456 28.23 7.48 21.74
CA GLU B 456 28.57 6.82 23.00
C GLU B 456 27.99 5.41 23.01
N PRO B 457 28.84 4.40 23.23
CA PRO B 457 28.35 3.01 23.23
C PRO B 457 27.16 2.80 24.17
N LEU B 458 27.11 3.53 25.28
CA LEU B 458 26.00 3.42 26.22
C LEU B 458 24.66 3.87 25.66
N ASP B 459 24.68 4.62 24.56
CA ASP B 459 23.44 5.07 23.95
C ASP B 459 22.87 4.08 22.94
N LEU B 460 23.57 2.96 22.76
CA LEU B 460 23.19 1.97 21.75
C LEU B 460 21.74 1.49 21.86
N PRO B 461 21.26 1.14 23.08
CA PRO B 461 19.89 0.64 23.15
C PRO B 461 18.85 1.63 22.57
N GLN B 462 18.93 2.90 22.94
CA GLN B 462 18.01 3.91 22.38
C GLN B 462 18.13 4.00 20.87
N ILE B 463 19.37 4.05 20.39
CA ILE B 463 19.64 4.17 18.97
C ILE B 463 19.07 3.00 18.18
N ILE B 464 19.30 1.79 18.67
CA ILE B 464 18.83 0.60 17.98
C ILE B 464 17.30 0.51 17.99
N GLU B 465 16.71 0.83 19.13
CA GLU B 465 15.25 0.79 19.23
C GLU B 465 14.65 1.76 18.23
N ARG B 466 15.21 2.96 18.19
CA ARG B 466 14.74 4.01 17.28
C ARG B 466 14.91 3.63 15.81
N LEU B 467 16.05 3.02 15.48
CA LEU B 467 16.30 2.60 14.11
C LEU B 467 15.54 1.34 13.71
N HIS B 468 15.58 0.32 14.57
CA HIS B 468 15.16 -1.02 14.17
C HIS B 468 13.88 -1.47 14.87
N GLY B 469 13.51 -0.80 15.96
CA GLY B 469 12.38 -1.21 16.75
C GLY B 469 12.77 -2.18 17.86
N LEU B 470 11.82 -2.45 18.74
CA LEU B 470 12.06 -3.31 19.89
C LEU B 470 12.35 -4.74 19.47
N SER B 471 11.84 -5.14 18.31
CA SER B 471 12.06 -6.50 17.81
C SER B 471 13.55 -6.84 17.65
N ALA B 472 14.39 -5.82 17.45
CA ALA B 472 15.83 -6.06 17.31
C ALA B 472 16.44 -6.74 18.55
N PHE B 473 15.78 -6.60 19.69
CA PHE B 473 16.30 -7.17 20.94
C PHE B 473 15.66 -8.50 21.29
N THR B 474 14.73 -8.97 20.46
CA THR B 474 14.00 -10.19 20.75
C THR B 474 14.03 -11.21 19.61
N LEU B 475 14.67 -10.88 18.51
CA LEU B 475 14.68 -11.80 17.38
C LEU B 475 15.24 -13.16 17.72
N HIS B 476 14.63 -14.20 17.18
CA HIS B 476 15.11 -15.56 17.36
C HIS B 476 14.66 -16.37 16.15
N SER B 477 15.02 -17.65 16.13
CA SER B 477 14.66 -18.52 15.02
C SER B 477 15.08 -17.91 13.70
N TYR B 478 16.38 -17.63 13.58
CA TYR B 478 16.94 -17.11 12.35
C TYR B 478 16.87 -18.20 11.28
N SER B 479 16.92 -17.81 10.02
CA SER B 479 16.82 -18.79 8.93
C SER B 479 18.05 -19.70 8.88
N PRO B 480 17.84 -20.96 8.46
CA PRO B 480 18.94 -21.93 8.39
C PRO B 480 20.08 -21.44 7.50
N GLY B 481 19.76 -20.72 6.43
CA GLY B 481 20.75 -20.23 5.50
C GLY B 481 21.64 -19.16 6.12
N GLU B 482 21.03 -18.29 6.93
CA GLU B 482 21.77 -17.26 7.65
C GLU B 482 22.63 -17.87 8.74
N ILE B 483 22.06 -18.78 9.51
CA ILE B 483 22.84 -19.45 10.55
C ILE B 483 24.04 -20.14 9.96
N ASN B 484 23.85 -20.85 8.85
CA ASN B 484 24.95 -21.57 8.22
C ASN B 484 26.02 -20.66 7.64
N ARG B 485 25.59 -19.54 7.07
CA ARG B 485 26.54 -18.60 6.53
C ARG B 485 27.41 -18.04 7.64
N VAL B 486 26.80 -17.71 8.79
CA VAL B 486 27.56 -17.20 9.91
C VAL B 486 28.52 -18.26 10.45
N ALA B 487 27.99 -19.46 10.73
CA ALA B 487 28.81 -20.55 11.27
C ALA B 487 29.99 -20.85 10.36
N SER B 488 29.74 -20.84 9.06
CA SER B 488 30.76 -21.14 8.07
C SER B 488 31.84 -20.06 8.08
N CYS B 489 31.43 -18.81 8.21
CA CYS B 489 32.37 -17.71 8.33
CA CYS B 489 32.38 -17.72 8.31
C CYS B 489 33.25 -17.85 9.56
N LEU B 490 32.65 -18.20 10.70
CA LEU B 490 33.41 -18.31 11.94
C LEU B 490 34.49 -19.37 11.83
N ARG B 491 34.14 -20.50 11.24
CA ARG B 491 35.12 -21.56 11.06
C ARG B 491 36.26 -21.13 10.14
N LYS B 492 35.92 -20.41 9.08
CA LYS B 492 36.92 -19.91 8.14
C LYS B 492 37.93 -18.97 8.82
N LEU B 493 37.43 -18.06 9.66
CA LEU B 493 38.27 -17.04 10.27
C LEU B 493 38.91 -17.48 11.59
N GLY B 494 38.50 -18.64 12.09
CA GLY B 494 38.94 -19.08 13.41
C GLY B 494 38.31 -18.23 14.50
N VAL B 495 37.06 -17.84 14.28
CA VAL B 495 36.29 -17.14 15.30
C VAL B 495 35.60 -18.22 16.15
N PRO B 496 35.57 -18.06 17.48
CA PRO B 496 34.90 -19.07 18.30
C PRO B 496 33.45 -19.26 17.90
N PRO B 497 32.91 -20.48 18.09
CA PRO B 497 31.53 -20.75 17.67
C PRO B 497 30.53 -19.97 18.52
N LEU B 498 29.30 -19.83 18.05
CA LEU B 498 28.29 -19.06 18.77
C LEU B 498 28.04 -19.55 20.20
N ARG B 499 28.16 -20.85 20.44
CA ARG B 499 27.98 -21.33 21.82
C ARG B 499 28.94 -20.62 22.77
N THR B 500 30.15 -20.35 22.32
CA THR B 500 31.16 -19.69 23.14
C THR B 500 30.77 -18.23 23.35
N TRP B 501 30.27 -17.59 22.29
CA TRP B 501 29.81 -16.22 22.42
C TRP B 501 28.67 -16.08 23.43
N ARG B 502 27.77 -17.04 23.46
CA ARG B 502 26.68 -16.96 24.43
C ARG B 502 27.23 -16.98 25.86
N HIS B 503 28.20 -17.84 26.13
CA HIS B 503 28.82 -17.90 27.45
C HIS B 503 29.49 -16.58 27.80
N ARG B 504 30.23 -16.02 26.86
CA ARG B 504 30.85 -14.72 27.09
C ARG B 504 29.84 -13.61 27.32
N ALA B 505 28.73 -13.66 26.58
CA ALA B 505 27.72 -12.62 26.72
C ALA B 505 27.04 -12.67 28.08
N ARG B 506 26.83 -13.87 28.62
CA ARG B 506 26.21 -13.98 29.93
C ARG B 506 27.07 -13.29 30.98
N SER B 507 28.39 -13.40 30.82
CA SER B 507 29.33 -12.77 31.74
C SER B 507 29.33 -11.24 31.62
N VAL B 508 29.43 -10.75 30.38
CA VAL B 508 29.33 -9.32 30.12
C VAL B 508 28.00 -8.78 30.61
N ARG B 509 26.92 -9.50 30.33
CA ARG B 509 25.59 -9.04 30.73
C ARG B 509 25.48 -8.83 32.24
N ALA B 510 25.97 -9.79 33.02
CA ALA B 510 25.89 -9.68 34.48
C ALA B 510 26.71 -8.49 34.98
N LYS B 511 27.88 -8.28 34.37
CA LYS B 511 28.72 -7.15 34.76
C LYS B 511 28.08 -5.80 34.45
N LEU B 512 27.33 -5.73 33.34
CA LEU B 512 26.63 -4.50 32.95
C LEU B 512 25.47 -4.20 33.89
N LEU B 513 24.71 -5.23 34.25
CA LEU B 513 23.60 -5.06 35.19
C LEU B 513 24.13 -4.55 36.52
N SER B 514 25.24 -5.12 36.98
CA SER B 514 25.89 -4.71 38.23
C SER B 514 26.13 -3.21 38.34
N GLN B 515 26.26 -2.53 37.21
CA GLN B 515 26.64 -1.12 37.23
C GLN B 515 25.43 -0.19 37.27
N GLY B 516 24.24 -0.75 37.06
CA GLY B 516 23.03 0.06 36.97
C GLY B 516 23.12 1.08 35.86
N GLY B 517 22.18 2.03 35.86
CA GLY B 517 22.19 3.11 34.89
C GLY B 517 22.15 2.66 33.44
N ARG B 518 22.79 3.43 32.57
CA ARG B 518 22.77 3.15 31.14
C ARG B 518 23.43 1.81 30.84
N ALA B 519 24.44 1.43 31.62
CA ALA B 519 25.13 0.16 31.41
C ALA B 519 24.20 -1.01 31.64
N ALA B 520 23.42 -0.94 32.72
CA ALA B 520 22.42 -1.94 33.01
C ALA B 520 21.38 -2.02 31.90
N THR B 521 21.01 -0.87 31.33
CA THR B 521 20.10 -0.85 30.20
C THR B 521 20.70 -1.63 29.02
N CYS B 522 21.98 -1.40 28.76
CA CYS B 522 22.69 -2.17 27.74
C CYS B 522 22.59 -3.66 28.03
N GLY B 523 22.88 -4.03 29.28
CA GLY B 523 22.79 -5.42 29.68
C GLY B 523 21.41 -6.01 29.42
N ARG B 524 20.36 -5.29 29.83
CA ARG B 524 19.00 -5.79 29.69
C ARG B 524 18.55 -5.90 28.24
N TYR B 525 18.83 -4.88 27.44
CA TYR B 525 18.35 -4.86 26.05
C TYR B 525 19.28 -5.56 25.06
N LEU B 526 20.57 -5.22 25.09
CA LEU B 526 21.50 -5.76 24.10
C LEU B 526 21.77 -7.24 24.28
N PHE B 527 21.68 -7.73 25.52
CA PHE B 527 22.01 -9.13 25.80
C PHE B 527 20.84 -9.97 26.34
N ASN B 528 19.61 -9.54 26.04
CA ASN B 528 18.47 -10.34 26.46
C ASN B 528 18.47 -11.68 25.76
N TRP B 529 19.08 -11.74 24.57
CA TRP B 529 19.18 -13.01 23.85
C TRP B 529 20.01 -14.07 24.60
N ALA B 530 20.89 -13.64 25.51
CA ALA B 530 21.84 -14.57 26.14
C ALA B 530 21.26 -15.30 27.34
N VAL B 531 20.05 -14.91 27.77
CA VAL B 531 19.43 -15.55 28.93
C VAL B 531 18.07 -16.16 28.59
N ARG B 532 17.74 -17.26 29.24
CA ARG B 532 16.47 -17.95 28.98
C ARG B 532 15.32 -17.30 29.74
N THR B 533 15.53 -17.04 31.03
CA THR B 533 14.54 -16.32 31.80
C THR B 533 14.67 -14.86 31.44
N LYS B 534 13.95 -14.47 30.39
CA LYS B 534 14.16 -13.19 29.74
C LYS B 534 13.45 -12.05 30.45
N LEU B 535 14.15 -10.90 30.50
CA LEU B 535 13.56 -9.68 31.02
C LEU B 535 12.50 -9.18 30.05
N LYS B 536 11.37 -8.72 30.58
CA LYS B 536 10.35 -8.12 29.75
C LYS B 536 10.86 -6.79 29.24
N LEU B 537 10.86 -6.61 27.93
CA LEU B 537 11.44 -5.41 27.34
C LEU B 537 10.38 -4.40 26.92
N THR B 538 10.41 -3.24 27.58
CA THR B 538 9.48 -2.16 27.31
C THR B 538 10.19 -1.06 26.52
N PRO B 539 9.42 -0.17 25.88
CA PRO B 539 10.07 0.95 25.19
C PRO B 539 11.02 1.72 26.12
N ILE B 540 12.16 2.14 25.58
CA ILE B 540 13.13 2.90 26.34
C ILE B 540 12.80 4.39 26.29
N PRO B 541 12.65 5.03 27.46
CA PRO B 541 12.28 6.44 27.55
C PRO B 541 13.08 7.32 26.60
N ALA B 542 14.41 7.28 26.72
CA ALA B 542 15.29 8.16 25.93
C ALA B 542 15.15 7.97 24.42
N ALA B 543 14.69 6.80 24.00
CA ALA B 543 14.58 6.48 22.58
C ALA B 543 13.75 7.50 21.82
N SER B 544 12.49 7.66 22.21
CA SER B 544 11.60 8.61 21.57
C SER B 544 11.91 10.04 22.03
N GLN B 545 13.19 10.40 22.02
CA GLN B 545 13.63 11.70 22.51
C GLN B 545 14.92 12.20 21.86
N LEU B 546 15.75 11.28 21.40
CA LEU B 546 17.06 11.68 20.85
C LEU B 546 16.95 12.20 19.41
N ASP B 547 17.91 13.05 19.03
CA ASP B 547 17.85 13.75 17.75
C ASP B 547 18.46 12.96 16.61
N LEU B 548 17.64 12.16 15.94
CA LEU B 548 18.09 11.33 14.83
C LEU B 548 17.67 11.89 13.48
N SER B 549 17.42 13.20 13.45
CA SER B 549 16.79 13.84 12.30
C SER B 549 17.61 13.79 11.01
N GLY B 550 18.94 13.92 11.14
CA GLY B 550 19.79 14.02 9.98
C GLY B 550 20.52 12.74 9.59
N TRP B 551 20.24 11.64 10.28
CA TRP B 551 21.00 10.40 10.08
C TRP B 551 20.78 9.73 8.73
N PHE B 552 19.55 9.73 8.27
CA PHE B 552 19.20 9.07 7.02
C PHE B 552 18.50 10.06 6.11
N VAL B 553 19.25 11.07 5.70
CA VAL B 553 18.73 12.06 4.79
C VAL B 553 19.41 11.89 3.45
N ALA B 554 20.73 11.74 3.47
CA ALA B 554 21.52 11.74 2.25
C ALA B 554 22.80 10.93 2.41
N GLY B 555 23.41 10.56 1.29
CA GLY B 555 24.69 9.86 1.33
C GLY B 555 25.81 10.89 1.26
N TYR B 556 26.90 10.65 1.97
CA TYR B 556 28.01 11.61 1.98
C TYR B 556 29.36 10.94 1.82
N LYS B 557 29.37 9.69 1.37
CA LYS B 557 30.62 8.96 1.23
C LYS B 557 31.59 9.78 0.36
N GLY B 558 32.80 9.99 0.87
CA GLY B 558 33.82 10.74 0.18
C GLY B 558 33.74 12.24 0.43
N GLY B 559 32.65 12.68 1.03
CA GLY B 559 32.37 14.10 1.16
C GLY B 559 32.96 14.85 2.35
N ASP B 560 33.69 14.16 3.23
CA ASP B 560 34.36 14.83 4.33
C ASP B 560 33.34 15.54 5.22
N ILE B 561 32.28 14.82 5.62
CA ILE B 561 31.17 15.38 6.38
C ILE B 561 31.12 14.84 7.81
N TYR B 562 30.92 15.75 8.76
CA TYR B 562 30.82 15.37 10.17
C TYR B 562 29.52 15.92 10.71
N HIS B 563 28.74 15.07 11.37
CA HIS B 563 27.44 15.49 11.89
C HIS B 563 27.45 15.41 13.41
N SER B 564 27.43 16.57 14.07
CA SER B 564 27.53 16.61 15.54
C SER B 564 26.27 16.06 16.21
S SO4 C . -30.13 1.42 -7.54
O1 SO4 C . -29.91 1.95 -6.20
O2 SO4 C . -29.36 2.22 -8.49
O3 SO4 C . -29.71 0.02 -7.60
O4 SO4 C . -31.56 1.51 -7.88
S SO4 D . -27.88 -9.03 -12.33
S SO4 D . -26.58 -11.67 -13.90
O1 SO4 D . -28.48 -7.86 -11.72
O1 SO4 D . -27.72 -10.76 -13.87
O2 SO4 D . -27.21 -8.63 -13.56
O2 SO4 D . -25.79 -11.44 -15.10
O3 SO4 D . -26.92 -9.63 -11.42
O3 SO4 D . -25.75 -11.44 -12.73
O4 SO4 D . -28.92 -10.01 -12.64
O4 SO4 D . -27.07 -13.05 -13.89
S SO4 E . -20.92 -5.70 -6.00
S SO4 E . -22.63 -6.59 -8.29
S SO4 E . -19.28 -7.03 -7.35
S SO4 E . -22.73 -4.43 -7.60
O1 SO4 E . -21.28 -4.51 -5.22
O1 SO4 E . -22.98 -5.19 -8.46
O1 SO4 E . -19.08 -5.87 -6.50
O1 SO4 E . -23.03 -3.25 -6.80
O2 SO4 E . -19.52 -5.60 -6.41
O2 SO4 E . -21.48 -6.91 -9.13
O2 SO4 E . -18.09 -7.27 -8.16
O2 SO4 E . -21.30 -4.72 -7.54
O3 SO4 E . -21.08 -6.90 -5.18
O3 SO4 E . -22.32 -6.85 -6.89
O3 SO4 E . -19.55 -8.20 -6.52
O3 SO4 E . -23.47 -5.57 -7.07
O4 SO4 E . -21.77 -5.78 -7.18
O4 SO4 E . -23.76 -7.43 -8.69
O4 SO4 E . -20.42 -6.81 -8.24
O4 SO4 E . -23.12 -4.19 -8.99
S SO4 F . -45.45 24.21 -20.48
S SO4 F . -46.00 26.69 -22.92
O1 SO4 F . -45.27 24.89 -19.20
O1 SO4 F . -45.72 27.54 -21.77
O2 SO4 F . -44.48 24.73 -21.43
O2 SO4 F . -45.43 27.29 -24.12
O3 SO4 F . -45.24 22.78 -20.32
O3 SO4 F . -45.42 25.37 -22.71
O4 SO4 F . -46.81 24.47 -20.97
O4 SO4 F . -47.44 26.56 -23.07
S SO4 G . -54.36 13.23 0.61
O1 SO4 G . -53.75 14.30 1.41
O2 SO4 G . -55.25 13.82 -0.39
O3 SO4 G . -55.12 12.35 1.49
O4 SO4 G . -53.32 12.46 -0.07
S SO4 H . -19.12 18.85 17.34
O1 SO4 H . -19.19 20.23 17.80
O2 SO4 H . -18.78 18.83 15.93
O3 SO4 H . -18.09 18.14 18.10
O4 SO4 H . -20.41 18.20 17.56
S SO4 I . -15.67 1.09 -24.50
O1 SO4 I . -15.77 2.34 -23.76
O2 SO4 I . -15.01 1.35 -25.78
O3 SO4 I . -14.88 0.14 -23.74
O4 SO4 I . -16.99 0.52 -24.75
S SO4 J . 2.04 4.11 20.26
O1 SO4 J . 1.27 5.35 20.25
O2 SO4 J . 3.23 4.26 19.45
O3 SO4 J . 2.42 3.77 21.63
O4 SO4 J . 1.22 3.03 19.71
MG MG K . -28.56 -13.78 -9.76
S SO4 L . 35.40 -2.27 -8.92
S SO4 L . 34.89 -0.34 -6.83
O1 SO4 L . 35.68 -0.84 -8.91
O1 SO4 L . 36.02 0.27 -6.14
O2 SO4 L . 36.63 -3.00 -9.23
O2 SO4 L . 35.36 -1.48 -7.62
O3 SO4 L . 34.94 -2.66 -7.58
O3 SO4 L . 33.91 -0.80 -5.85
O4 SO4 L . 34.37 -2.57 -9.91
O4 SO4 L . 34.26 0.64 -7.73
S SO4 M . 32.59 -5.01 1.71
S SO4 M . 34.10 -2.97 0.80
S SO4 M . 33.40 -7.19 1.07
S SO4 M . 31.95 -3.27 2.81
O1 SO4 M . 32.42 -4.26 2.95
O1 SO4 M . 35.24 -2.29 1.40
O1 SO4 M . 33.29 -6.49 2.34
O1 SO4 M . 31.82 -2.47 4.01
O2 SO4 M . 33.35 -4.21 0.76
O2 SO4 M . 34.42 -3.42 -0.54
O2 SO4 M . 34.15 -6.36 0.12
O2 SO4 M . 32.94 -2.68 1.92
O3 SO4 M . 33.32 -6.25 1.99
O3 SO4 M . 33.75 -4.13 1.62
O3 SO4 M . 34.10 -8.45 1.27
O3 SO4 M . 32.37 -4.63 3.17
O4 SO4 M . 31.28 -5.33 1.15
O4 SO4 M . 32.96 -2.06 0.74
O4 SO4 M . 32.07 -7.45 0.54
O4 SO4 M . 30.66 -3.34 2.12
S SO4 N . 35.33 6.85 2.95
O1 SO4 N . 35.59 8.24 3.33
O2 SO4 N . 35.43 6.73 1.50
O3 SO4 N . 36.32 5.99 3.58
O4 SO4 N . 33.99 6.47 3.39
S SO4 O . 24.77 6.58 33.60
O1 SO4 O . 25.11 7.16 34.90
O2 SO4 O . 25.27 7.46 32.54
O3 SO4 O . 25.40 5.28 33.49
O4 SO4 O . 23.32 6.45 33.50
S SO4 P . 18.97 -18.21 32.50
O1 SO4 P . 18.03 -17.11 32.54
O2 SO4 P . 19.44 -18.45 31.13
O3 SO4 P . 20.09 -17.88 33.38
O4 SO4 P . 18.33 -19.44 32.97
S SO4 Q . 26.22 -18.58 33.87
O1 SO4 Q . 25.98 -17.16 34.13
O2 SO4 Q . 26.57 -18.77 32.47
O3 SO4 Q . 27.35 -19.04 34.69
O4 SO4 Q . 25.02 -19.34 34.21
S SO4 R . 4.88 -12.02 6.09
O1 SO4 R . 4.85 -10.57 6.02
O2 SO4 R . 5.17 -12.60 4.77
O3 SO4 R . 5.93 -12.44 7.02
O4 SO4 R . 3.59 -12.50 6.57
S SO4 S . 40.72 28.66 -23.26
O1 SO4 S . 40.80 29.38 -21.99
O2 SO4 S . 41.62 29.25 -24.26
O3 SO4 S . 41.08 27.26 -23.05
O4 SO4 S . 39.36 28.74 -23.78
S SO4 T . 21.99 16.00 -23.58
O1 SO4 T . 22.86 16.68 -22.63
O2 SO4 T . 22.45 16.27 -24.94
O3 SO4 T . 22.04 14.55 -23.35
O4 SO4 T . 20.62 16.46 -23.44
S SO4 U . 29.78 34.01 5.72
O1 SO4 U . 30.62 35.18 6.00
O2 SO4 U . 30.24 33.36 4.50
O3 SO4 U . 29.91 33.07 6.84
O4 SO4 U . 28.39 34.41 5.59
MG MG V . 30.62 -1.10 -9.05
#